data_1DGR
#
_entry.id   1DGR
#
_cell.length_a   136.5
_cell.length_b   150.3
_cell.length_c   133.4
_cell.angle_alpha   90.0
_cell.angle_beta   90.0
_cell.angle_gamma   90.0
#
_symmetry.space_group_name_H-M   'C 2 2 21'
#
loop_
_entity.id
_entity.type
_entity.pdbx_description
1 polymer CANAVALIN
2 polymer CANAVALIN
3 polymer CANAVALIN
4 non-polymer 'PHOSPHATE ION'
5 water water
#
loop_
_entity_poly.entity_id
_entity_poly.type
_entity_poly.pdbx_seq_one_letter_code
_entity_poly.pdbx_strand_id
1 'polypeptide(L)'
;NNPYLFRSNKFLTLFKNQHGSLRLLQRFNEDTEKLENLRDYRVLEYCSKPNTLLLPHHSDSDLLVLVLEGQAILVLVNPD
GRDTYKLDQGDAIKIQAGTPFYLINPDNNQNLRILKFAITFRRPGTVEDFFLSSTKRLPSYLSAFSKNFLEASYDSPYDE
IEQTLLQEEQEGVIVKMP
;
A,B,C
2 'polypeptide(L)' DKPFNLRSRDPIYSNNYGKLYEITPEKNSQLRDLDILLNCLQMNEGALFVPHYNSRATVILVANEGRAEVELVGLEQQQ X,V,N
3 'polypeptide(L)'
;MQLRRYAATLSEGDIIVIPSSFPVALKAASDLNMVGIGVNAENNERNFLAGHKENVIRQIPRQVSDLTFPGSGEEVEELL
ENQKESYFVDGQP
;
Y,W,M
#
loop_
_chem_comp.id
_chem_comp.type
_chem_comp.name
_chem_comp.formula
PO4 non-polymer 'PHOSPHATE ION' 'O4 P -3'
#
# COMPACT_ATOMS: atom_id res chain seq x y z
N ASN A 1 2.90 -6.05 31.42
CA ASN A 1 3.55 -6.30 30.09
C ASN A 1 3.53 -5.05 29.20
N ASN A 2 4.68 -4.76 28.60
CA ASN A 2 4.84 -3.60 27.73
C ASN A 2 5.20 -4.10 26.33
N PRO A 3 4.24 -4.09 25.39
CA PRO A 3 4.48 -4.56 24.02
C PRO A 3 5.33 -3.64 23.16
N TYR A 4 5.45 -2.39 23.58
CA TYR A 4 6.20 -1.38 22.85
C TYR A 4 7.68 -1.32 23.22
N LEU A 5 8.08 -2.12 24.21
CA LEU A 5 9.47 -2.13 24.67
C LEU A 5 10.30 -3.27 24.06
N PHE A 6 11.50 -2.93 23.58
CA PHE A 6 12.39 -3.92 23.00
C PHE A 6 13.80 -3.79 23.56
N ARG A 7 14.09 -4.60 24.59
CA ARG A 7 15.41 -4.61 25.23
C ARG A 7 16.46 -5.24 24.33
N SER A 8 17.72 -5.04 24.68
CA SER A 8 18.82 -5.57 23.90
C SER A 8 18.77 -7.09 23.75
N ASN A 9 18.20 -7.76 24.73
CA ASN A 9 18.09 -9.22 24.69
C ASN A 9 17.24 -9.72 23.52
N LYS A 10 16.31 -8.89 23.06
CA LYS A 10 15.43 -9.27 21.95
C LYS A 10 16.10 -9.15 20.58
N PHE A 11 17.43 -9.05 20.59
CA PHE A 11 18.23 -8.96 19.37
C PHE A 11 18.84 -10.32 19.07
N LEU A 12 18.42 -10.93 17.96
CA LEU A 12 18.96 -12.23 17.57
C LEU A 12 20.32 -11.90 16.96
N THR A 13 21.36 -12.63 17.34
CA THR A 13 22.66 -12.35 16.78
C THR A 13 22.86 -13.11 15.46
N LEU A 14 23.05 -12.36 14.39
CA LEU A 14 23.26 -12.97 13.07
C LEU A 14 24.68 -13.46 12.88
N PHE A 15 25.64 -12.81 13.53
CA PHE A 15 27.03 -13.21 13.36
C PHE A 15 27.98 -12.54 14.34
N LYS A 16 28.53 -13.31 15.26
CA LYS A 16 29.49 -12.77 16.22
C LYS A 16 30.89 -13.21 15.76
N ASN A 17 31.89 -12.44 16.16
CA ASN A 17 33.26 -12.70 15.74
C ASN A 17 34.07 -11.90 16.74
N GLN A 18 35.37 -12.17 16.87
CA GLN A 18 36.14 -11.40 17.83
C GLN A 18 36.44 -10.00 17.33
N HIS A 19 36.04 -9.70 16.10
CA HIS A 19 36.28 -8.39 15.51
C HIS A 19 35.04 -7.51 15.48
N GLY A 20 33.87 -8.12 15.58
CA GLY A 20 32.65 -7.34 15.55
C GLY A 20 31.42 -8.22 15.57
N SER A 21 30.24 -7.62 15.40
CA SER A 21 29.01 -8.40 15.40
C SER A 21 27.90 -7.72 14.64
N LEU A 22 26.96 -8.54 14.18
CA LEU A 22 25.81 -8.06 13.44
C LEU A 22 24.58 -8.66 14.10
N ARG A 23 23.69 -7.81 14.59
CA ARG A 23 22.48 -8.31 15.24
C ARG A 23 21.18 -7.81 14.58
N LEU A 24 20.14 -8.63 14.65
CA LEU A 24 18.85 -8.31 14.06
C LEU A 24 17.74 -8.36 15.09
N LEU A 25 16.94 -7.30 15.16
CA LEU A 25 15.85 -7.24 16.12
C LEU A 25 14.67 -8.06 15.63
N GLN A 26 13.95 -8.69 16.54
CA GLN A 26 12.79 -9.49 16.16
C GLN A 26 11.77 -8.61 15.46
N ARG A 27 10.87 -9.22 14.72
CA ARG A 27 9.83 -8.46 14.03
C ARG A 27 9.07 -7.65 15.06
N PHE A 28 8.70 -6.43 14.71
CA PHE A 28 7.96 -5.57 15.64
C PHE A 28 6.59 -6.18 15.99
N ASN A 29 6.01 -6.93 15.06
CA ASN A 29 4.71 -7.56 15.26
C ASN A 29 4.81 -9.03 15.64
N GLU A 30 5.96 -9.40 16.20
CA GLU A 30 6.23 -10.78 16.63
C GLU A 30 5.31 -11.19 17.78
N ASP A 31 5.42 -10.47 18.91
CA ASP A 31 4.61 -10.78 20.10
C ASP A 31 3.38 -9.93 20.26
N THR A 32 3.04 -9.14 19.24
CA THR A 32 1.87 -8.30 19.38
C THR A 32 1.24 -7.86 18.06
N GLU A 33 -0.09 -7.73 18.08
CA GLU A 33 -0.83 -7.31 16.90
C GLU A 33 -1.03 -5.79 16.95
N LYS A 34 -0.43 -5.15 17.95
CA LYS A 34 -0.53 -3.70 18.12
C LYS A 34 0.45 -2.90 17.26
N LEU A 35 1.34 -3.59 16.55
CA LEU A 35 2.32 -2.91 15.71
C LEU A 35 2.35 -3.43 14.28
N GLU A 36 1.18 -3.72 13.70
CA GLU A 36 1.10 -4.23 12.33
C GLU A 36 1.58 -3.21 11.32
N ASN A 37 1.56 -1.93 11.70
CA ASN A 37 1.99 -0.88 10.78
C ASN A 37 3.52 -0.80 10.66
N LEU A 38 4.21 -1.62 11.45
CA LEU A 38 5.66 -1.65 11.44
C LEU A 38 6.19 -2.99 10.91
N ARG A 39 5.31 -3.82 10.39
CA ARG A 39 5.73 -5.14 9.94
C ARG A 39 6.72 -5.19 8.78
N ASP A 40 6.81 -4.12 7.99
CA ASP A 40 7.76 -4.11 6.86
C ASP A 40 9.17 -3.65 7.24
N TYR A 41 9.37 -3.32 8.50
CA TYR A 41 10.67 -2.83 8.93
C TYR A 41 11.41 -3.75 9.89
N ARG A 42 12.72 -3.78 9.75
CA ARG A 42 13.55 -4.57 10.65
C ARG A 42 14.64 -3.62 11.07
N VAL A 43 15.16 -3.80 12.28
CA VAL A 43 16.24 -2.98 12.78
C VAL A 43 17.46 -3.88 12.93
N LEU A 44 18.61 -3.40 12.48
CA LEU A 44 19.82 -4.17 12.62
C LEU A 44 20.84 -3.26 13.26
N GLU A 45 21.78 -3.86 13.98
CA GLU A 45 22.83 -3.10 14.63
C GLU A 45 24.14 -3.75 14.25
N TYR A 46 25.14 -2.95 13.91
CA TYR A 46 26.44 -3.46 13.53
C TYR A 46 27.54 -2.85 14.36
N CYS A 47 28.41 -3.70 14.89
CA CYS A 47 29.52 -3.22 15.72
C CYS A 47 30.84 -3.88 15.30
N SER A 48 31.87 -3.08 15.06
CA SER A 48 33.18 -3.62 14.67
C SER A 48 34.33 -2.87 15.36
N LYS A 49 35.44 -3.59 15.57
CA LYS A 49 36.61 -3.02 16.21
C LYS A 49 37.50 -2.28 15.19
N PRO A 50 38.53 -1.55 15.67
CA PRO A 50 39.41 -0.82 14.75
C PRO A 50 40.01 -1.65 13.62
N ASN A 51 40.19 -1.01 12.47
CA ASN A 51 40.75 -1.64 11.29
C ASN A 51 40.06 -2.94 10.92
N THR A 52 38.75 -2.88 10.73
CA THR A 52 37.99 -4.06 10.35
C THR A 52 37.22 -3.81 9.05
N LEU A 53 36.88 -4.88 8.36
CA LEU A 53 36.17 -4.81 7.09
C LEU A 53 35.01 -5.80 7.05
N LEU A 54 33.83 -5.32 6.67
CA LEU A 54 32.67 -6.20 6.52
C LEU A 54 32.68 -6.50 5.03
N LEU A 55 32.82 -7.78 4.67
CA LEU A 55 32.91 -8.15 3.26
C LEU A 55 31.75 -7.71 2.35
N PRO A 56 32.06 -7.44 1.07
CA PRO A 56 31.06 -7.00 0.08
C PRO A 56 29.87 -7.93 -0.01
N HIS A 57 28.68 -7.37 0.03
CA HIS A 57 27.43 -8.14 -0.05
C HIS A 57 26.31 -7.19 -0.40
N HIS A 58 25.22 -7.71 -0.96
CA HIS A 58 24.09 -6.85 -1.28
C HIS A 58 22.88 -7.32 -0.50
N SER A 59 22.02 -6.40 -0.10
CA SER A 59 20.82 -6.76 0.65
C SER A 59 19.64 -6.72 -0.29
N ASP A 60 18.57 -7.45 0.03
CA ASP A 60 17.41 -7.46 -0.84
C ASP A 60 16.47 -6.33 -0.44
N SER A 61 16.88 -5.58 0.58
CA SER A 61 16.08 -4.49 1.12
C SER A 61 16.77 -3.15 1.05
N ASP A 62 15.98 -2.09 1.19
CA ASP A 62 16.52 -0.73 1.22
C ASP A 62 17.03 -0.53 2.64
N LEU A 63 18.24 0.03 2.76
CA LEU A 63 18.82 0.25 4.06
C LEU A 63 19.04 1.73 4.35
N LEU A 64 18.73 2.13 5.58
CA LEU A 64 18.98 3.51 5.97
C LEU A 64 20.08 3.33 7.01
N VAL A 65 21.32 3.57 6.59
CA VAL A 65 22.47 3.42 7.49
C VAL A 65 22.72 4.67 8.32
N LEU A 66 22.94 4.47 9.62
CA LEU A 66 23.17 5.57 10.54
C LEU A 66 24.31 5.29 11.51
N VAL A 67 25.38 6.09 11.42
CA VAL A 67 26.56 5.94 12.28
C VAL A 67 26.31 6.44 13.70
N LEU A 68 26.16 5.52 14.64
CA LEU A 68 25.90 5.88 16.04
C LEU A 68 27.14 6.29 16.80
N GLU A 69 28.25 5.64 16.52
CA GLU A 69 29.49 5.96 17.20
C GLU A 69 30.65 5.61 16.27
N GLY A 70 31.72 6.39 16.35
CA GLY A 70 32.87 6.13 15.52
C GLY A 70 32.89 6.82 14.18
N GLN A 71 33.74 6.31 13.30
CA GLN A 71 33.89 6.84 11.96
C GLN A 71 33.87 5.64 11.04
N ALA A 72 33.55 5.84 9.76
CA ALA A 72 33.48 4.70 8.86
C ALA A 72 33.66 5.05 7.38
N ILE A 73 34.11 4.07 6.60
CA ILE A 73 34.29 4.22 5.17
C ILE A 73 33.26 3.31 4.51
N LEU A 74 32.38 3.88 3.70
CA LEU A 74 31.37 3.10 3.02
C LEU A 74 31.65 3.15 1.54
N VAL A 75 31.68 1.99 0.90
CA VAL A 75 31.92 1.90 -0.53
C VAL A 75 30.74 1.21 -1.19
N LEU A 76 30.05 1.94 -2.06
CA LEU A 76 28.90 1.40 -2.78
C LEU A 76 29.37 1.02 -4.18
N VAL A 77 29.19 -0.24 -4.54
CA VAL A 77 29.61 -0.72 -5.85
C VAL A 77 28.50 -0.67 -6.88
N ASN A 78 28.82 -0.13 -8.05
CA ASN A 78 27.86 -0.02 -9.15
C ASN A 78 28.40 -0.87 -10.30
N PRO A 79 27.54 -1.30 -11.22
CA PRO A 79 28.06 -2.11 -12.33
C PRO A 79 28.98 -1.28 -13.22
N ASP A 80 28.89 0.03 -13.01
CA ASP A 80 29.62 1.03 -13.77
C ASP A 80 30.96 1.45 -13.16
N GLY A 81 30.99 1.53 -11.83
CA GLY A 81 32.18 1.92 -11.09
C GLY A 81 31.82 1.85 -9.61
N ARG A 82 32.29 2.77 -8.80
CA ARG A 82 31.96 2.73 -7.38
C ARG A 82 32.05 4.08 -6.72
N ASP A 83 31.37 4.22 -5.60
CA ASP A 83 31.35 5.47 -4.84
C ASP A 83 31.86 5.22 -3.43
N THR A 84 32.77 6.07 -2.98
CA THR A 84 33.32 5.96 -1.63
C THR A 84 32.85 7.13 -0.78
N TYR A 85 32.42 6.82 0.44
CA TYR A 85 31.91 7.84 1.35
C TYR A 85 32.54 7.71 2.71
N LYS A 86 32.84 8.84 3.32
CA LYS A 86 33.42 8.84 4.65
C LYS A 86 32.29 9.26 5.56
N LEU A 87 31.93 8.40 6.51
CA LEU A 87 30.84 8.71 7.43
C LEU A 87 31.34 9.06 8.83
N ASP A 88 30.78 10.13 9.40
CA ASP A 88 31.15 10.53 10.75
C ASP A 88 30.00 10.25 11.70
N GLN A 89 30.27 10.27 12.99
CA GLN A 89 29.23 10.02 13.98
C GLN A 89 28.06 10.94 13.65
N GLY A 90 26.88 10.35 13.51
CA GLY A 90 25.69 11.14 13.21
C GLY A 90 25.31 11.22 11.73
N ASP A 91 26.18 10.72 10.85
CA ASP A 91 25.89 10.72 9.43
C ASP A 91 24.92 9.60 9.10
N ALA A 92 24.12 9.81 8.08
CA ALA A 92 23.15 8.82 7.64
C ALA A 92 23.17 8.80 6.13
N ILE A 93 22.76 7.67 5.55
CA ILE A 93 22.74 7.53 4.12
C ILE A 93 21.85 6.37 3.73
N LYS A 94 21.25 6.45 2.55
CA LYS A 94 20.40 5.36 2.09
C LYS A 94 21.15 4.48 1.13
N ILE A 95 21.02 3.17 1.32
CA ILE A 95 21.65 2.21 0.42
C ILE A 95 20.52 1.46 -0.24
N GLN A 96 20.36 1.65 -1.55
CA GLN A 96 19.30 0.99 -2.29
C GLN A 96 19.52 -0.50 -2.42
N ALA A 97 18.46 -1.26 -2.20
CA ALA A 97 18.50 -2.71 -2.28
C ALA A 97 19.20 -3.15 -3.55
N GLY A 98 19.95 -4.25 -3.47
CA GLY A 98 20.64 -4.77 -4.64
C GLY A 98 22.01 -4.17 -4.90
N THR A 99 22.39 -3.18 -4.09
CA THR A 99 23.66 -2.53 -4.26
C THR A 99 24.69 -3.24 -3.40
N PRO A 100 25.74 -3.81 -4.04
CA PRO A 100 26.75 -4.51 -3.26
C PRO A 100 27.56 -3.42 -2.55
N PHE A 101 27.91 -3.65 -1.29
CA PHE A 101 28.69 -2.65 -0.57
C PHE A 101 29.54 -3.28 0.55
N TYR A 102 30.57 -2.56 0.97
CA TYR A 102 31.40 -3.01 2.07
C TYR A 102 31.73 -1.84 3.03
N LEU A 103 31.78 -2.17 4.32
CA LEU A 103 32.02 -1.17 5.35
C LEU A 103 33.37 -1.33 6.03
N ILE A 104 34.07 -0.21 6.22
CA ILE A 104 35.38 -0.22 6.85
C ILE A 104 35.47 0.69 8.07
N ASN A 105 36.14 0.22 9.12
CA ASN A 105 36.37 1.01 10.34
C ASN A 105 37.84 1.39 10.24
N PRO A 106 38.13 2.60 9.72
CA PRO A 106 39.51 3.06 9.56
C PRO A 106 40.23 3.41 10.85
N ASP A 107 39.49 3.90 11.83
CA ASP A 107 40.12 4.30 13.09
C ASP A 107 40.99 3.19 13.65
N ASN A 108 41.93 3.56 14.50
CA ASN A 108 42.82 2.58 15.10
C ASN A 108 42.57 2.37 16.59
N ASN A 109 41.68 3.18 17.19
CA ASN A 109 41.39 3.07 18.61
C ASN A 109 39.90 2.99 18.92
N GLN A 110 39.10 3.71 18.15
CA GLN A 110 37.67 3.78 18.37
C GLN A 110 36.84 2.75 17.61
N ASN A 111 35.86 2.17 18.31
CA ASN A 111 34.98 1.17 17.71
C ASN A 111 33.97 1.85 16.80
N LEU A 112 33.25 1.04 16.03
CA LEU A 112 32.23 1.56 15.12
C LEU A 112 30.87 0.94 15.42
N ARG A 113 29.89 1.79 15.66
CA ARG A 113 28.54 1.30 15.92
C ARG A 113 27.61 1.94 14.89
N ILE A 114 26.89 1.09 14.18
CA ILE A 114 26.00 1.53 13.13
C ILE A 114 24.62 0.92 13.28
N LEU A 115 23.59 1.76 13.12
CA LEU A 115 22.20 1.31 13.18
C LEU A 115 21.73 1.18 11.74
N LYS A 116 21.14 0.03 11.39
CA LYS A 116 20.64 -0.20 10.04
C LYS A 116 19.14 -0.35 10.05
N PHE A 117 18.41 0.62 9.49
CA PHE A 117 16.95 0.53 9.42
C PHE A 117 16.65 -0.03 8.04
N ALA A 118 16.04 -1.21 8.00
CA ALA A 118 15.73 -1.84 6.73
C ALA A 118 14.28 -1.70 6.34
N ILE A 119 14.06 -1.34 5.08
CA ILE A 119 12.72 -1.20 4.53
C ILE A 119 12.57 -2.34 3.51
N THR A 120 11.83 -3.37 3.92
CA THR A 120 11.64 -4.54 3.08
C THR A 120 10.47 -4.42 2.12
N PHE A 121 10.58 -5.11 0.98
CA PHE A 121 9.53 -5.10 -0.03
C PHE A 121 9.38 -6.42 -0.81
N ARG A 122 10.46 -7.21 -0.92
CA ARG A 122 10.38 -8.48 -1.63
C ARG A 122 9.60 -9.48 -0.80
N ARG A 123 9.99 -9.62 0.47
CA ARG A 123 9.30 -10.51 1.39
C ARG A 123 9.15 -9.73 2.69
N PRO A 124 8.02 -9.04 2.86
CA PRO A 124 7.70 -8.23 4.03
C PRO A 124 8.19 -8.75 5.35
N GLY A 125 8.92 -7.92 6.07
CA GLY A 125 9.44 -8.31 7.37
C GLY A 125 10.68 -9.18 7.29
N THR A 126 11.08 -9.52 6.08
CA THR A 126 12.24 -10.36 5.89
C THR A 126 13.33 -9.63 5.14
N VAL A 127 14.54 -9.71 5.67
CA VAL A 127 15.68 -9.06 5.05
C VAL A 127 16.76 -10.10 4.88
N GLU A 128 17.26 -10.20 3.65
CA GLU A 128 18.30 -11.16 3.32
C GLU A 128 19.57 -10.46 2.81
N ASP A 129 20.71 -11.09 3.06
CA ASP A 129 22.00 -10.57 2.63
C ASP A 129 22.72 -11.62 1.81
N PHE A 130 23.31 -11.20 0.70
CA PHE A 130 24.04 -12.10 -0.18
C PHE A 130 25.53 -11.82 -0.16
N PHE A 131 26.29 -12.68 0.50
CA PHE A 131 27.73 -12.47 0.55
C PHE A 131 28.48 -13.20 -0.56
N LEU A 132 29.35 -12.46 -1.21
CA LEU A 132 30.15 -12.97 -2.31
C LEU A 132 31.21 -13.95 -1.81
N SER A 133 31.59 -13.84 -0.55
CA SER A 133 32.64 -14.69 0.06
C SER A 133 32.17 -15.97 0.74
N SER A 134 32.92 -17.05 0.54
CA SER A 134 32.60 -18.31 1.20
C SER A 134 33.18 -18.27 2.60
N THR A 135 32.41 -18.74 3.56
CA THR A 135 32.81 -18.76 4.96
C THR A 135 32.24 -20.02 5.59
N LYS A 136 32.45 -20.22 6.88
CA LYS A 136 31.91 -21.42 7.51
C LYS A 136 30.40 -21.31 7.58
N ARG A 137 29.96 -20.18 8.12
CA ARG A 137 28.54 -19.89 8.27
C ARG A 137 27.74 -20.18 6.97
N LEU A 138 28.29 -19.78 5.83
CA LEU A 138 27.62 -19.99 4.56
C LEU A 138 28.58 -19.86 3.38
N PRO A 139 28.39 -20.68 2.33
CA PRO A 139 29.25 -20.65 1.13
C PRO A 139 28.81 -19.57 0.15
N SER A 140 29.73 -19.07 -0.64
CA SER A 140 29.43 -18.02 -1.62
C SER A 140 28.25 -18.42 -2.49
N TYR A 141 27.30 -17.51 -2.68
CA TYR A 141 26.14 -17.82 -3.50
C TYR A 141 26.52 -18.17 -4.95
N LEU A 142 27.73 -17.79 -5.37
CA LEU A 142 28.19 -18.09 -6.71
C LEU A 142 28.38 -19.60 -6.89
N SER A 143 28.61 -20.30 -5.79
CA SER A 143 28.84 -21.74 -5.82
C SER A 143 27.57 -22.55 -5.99
N ALA A 144 26.42 -21.93 -5.82
CA ALA A 144 25.18 -22.66 -5.97
C ALA A 144 24.87 -22.94 -7.44
N PHE A 145 25.64 -22.34 -8.35
CA PHE A 145 25.44 -22.56 -9.79
C PHE A 145 26.15 -23.84 -10.20
N SER A 146 25.66 -24.49 -11.26
CA SER A 146 26.27 -25.73 -11.74
C SER A 146 27.66 -25.48 -12.33
N LYS A 147 28.45 -26.54 -12.43
CA LYS A 147 29.80 -26.43 -12.96
C LYS A 147 29.78 -25.95 -14.41
N ASN A 148 28.77 -26.40 -15.15
CA ASN A 148 28.66 -26.02 -16.56
C ASN A 148 28.35 -24.55 -16.71
N PHE A 149 27.40 -24.07 -15.90
CA PHE A 149 27.02 -22.66 -15.93
C PHE A 149 28.18 -21.75 -15.56
N LEU A 150 28.97 -22.14 -14.56
CA LEU A 150 30.10 -21.32 -14.14
C LEU A 150 31.21 -21.32 -15.17
N GLU A 151 31.54 -22.50 -15.70
CA GLU A 151 32.61 -22.60 -16.69
C GLU A 151 32.34 -21.73 -17.92
N ALA A 152 31.10 -21.80 -18.41
CA ALA A 152 30.71 -21.04 -19.58
C ALA A 152 30.73 -19.55 -19.27
N SER A 153 30.12 -19.18 -18.14
CA SER A 153 30.02 -17.80 -17.71
C SER A 153 31.36 -17.09 -17.60
N TYR A 154 32.25 -17.63 -16.79
CA TYR A 154 33.54 -17.01 -16.60
C TYR A 154 34.56 -17.41 -17.67
N ASP A 155 34.21 -18.42 -18.46
CA ASP A 155 35.08 -18.93 -19.52
C ASP A 155 36.43 -19.34 -18.96
N SER A 156 36.43 -20.36 -18.10
CA SER A 156 37.64 -20.85 -17.45
C SER A 156 37.37 -22.20 -16.81
N PRO A 157 38.39 -23.04 -16.71
CA PRO A 157 38.20 -24.36 -16.09
C PRO A 157 37.65 -24.21 -14.67
N TYR A 158 36.76 -25.12 -14.29
CA TYR A 158 36.14 -25.07 -12.97
C TYR A 158 37.07 -25.05 -11.77
N ASP A 159 37.92 -26.06 -11.64
CA ASP A 159 38.83 -26.11 -10.50
C ASP A 159 39.65 -24.84 -10.32
N GLU A 160 39.70 -24.00 -11.35
CA GLU A 160 40.44 -22.75 -11.30
C GLU A 160 39.52 -21.68 -10.71
N ILE A 161 38.25 -21.77 -11.06
CA ILE A 161 37.24 -20.85 -10.55
C ILE A 161 37.11 -21.14 -9.06
N GLU A 162 36.97 -22.42 -8.76
CA GLU A 162 36.81 -22.88 -7.40
C GLU A 162 37.87 -22.34 -6.45
N GLN A 163 39.14 -22.52 -6.78
CA GLN A 163 40.20 -22.05 -5.90
C GLN A 163 40.48 -20.55 -5.95
N THR A 164 39.96 -19.87 -6.95
CA THR A 164 40.18 -18.43 -7.05
C THR A 164 39.10 -17.59 -6.32
N LEU A 165 37.87 -18.09 -6.27
CA LEU A 165 36.82 -17.34 -5.61
C LEU A 165 35.71 -18.13 -4.92
N LEU A 166 35.67 -19.45 -5.08
CA LEU A 166 34.62 -20.24 -4.43
C LEU A 166 35.08 -20.95 -3.16
N GLN A 167 36.36 -21.23 -3.07
CA GLN A 167 36.94 -21.94 -1.93
C GLN A 167 36.81 -21.18 -0.62
N GLU A 168 36.38 -21.90 0.42
CA GLU A 168 36.21 -21.33 1.74
C GLU A 168 37.50 -20.67 2.21
N GLU A 169 37.52 -19.33 2.21
CA GLU A 169 38.70 -18.57 2.65
C GLU A 169 38.55 -18.02 4.08
N GLN A 170 38.00 -16.81 4.19
CA GLN A 170 37.81 -16.17 5.49
C GLN A 170 37.09 -17.02 6.51
N GLU A 171 37.28 -16.68 7.78
CA GLU A 171 36.64 -17.39 8.87
C GLU A 171 35.21 -16.85 8.94
N GLY A 172 35.09 -15.52 8.97
CA GLY A 172 33.78 -14.88 9.02
C GLY A 172 33.62 -13.75 8.00
N VAL A 173 32.47 -13.08 8.03
CA VAL A 173 32.20 -11.99 7.10
C VAL A 173 32.90 -10.72 7.54
N ILE A 174 33.29 -10.66 8.80
CA ILE A 174 34.00 -9.50 9.35
C ILE A 174 35.47 -9.85 9.55
N VAL A 175 36.33 -9.27 8.72
CA VAL A 175 37.76 -9.53 8.81
C VAL A 175 38.49 -8.26 9.21
N LYS A 176 39.82 -8.34 9.31
CA LYS A 176 40.59 -7.16 9.69
C LYS A 176 41.47 -6.66 8.55
N MET A 177 41.44 -5.35 8.35
CA MET A 177 42.22 -4.67 7.33
C MET A 177 43.70 -4.77 7.68
N PRO A 178 44.54 -5.17 6.71
CA PRO A 178 46.00 -5.32 6.90
C PRO A 178 46.70 -4.00 7.25
N ASP B 1 22.77 10.56 -4.61
CA ASP B 1 22.51 10.94 -3.19
C ASP B 1 23.75 10.79 -2.30
N LYS B 2 24.06 11.83 -1.53
CA LYS B 2 25.23 11.84 -0.64
C LYS B 2 24.80 11.74 0.83
N PRO B 3 25.77 11.56 1.74
CA PRO B 3 25.45 11.47 3.16
C PRO B 3 24.98 12.82 3.72
N PHE B 4 24.19 12.78 4.78
CA PHE B 4 23.69 14.00 5.43
C PHE B 4 23.76 13.74 6.93
N ASN B 5 24.14 14.76 7.69
CA ASN B 5 24.26 14.60 9.14
C ASN B 5 23.00 15.03 9.84
N LEU B 6 22.69 14.34 10.94
CA LEU B 6 21.49 14.65 11.72
C LEU B 6 21.54 16.02 12.33
N ARG B 7 22.72 16.51 12.68
CA ARG B 7 22.84 17.82 13.27
C ARG B 7 23.31 18.88 12.28
N SER B 8 23.07 18.62 11.00
CA SER B 8 23.46 19.53 9.94
C SER B 8 22.62 20.80 9.87
N ARG B 9 21.41 20.77 10.42
CA ARG B 9 20.53 21.93 10.41
C ARG B 9 20.36 22.39 11.86
N ASP B 10 19.91 23.62 12.07
CA ASP B 10 19.73 24.10 13.43
C ASP B 10 18.68 23.23 14.11
N PRO B 11 18.78 23.05 15.44
CA PRO B 11 17.81 22.23 16.17
C PRO B 11 16.42 22.88 16.15
N ILE B 12 15.38 22.08 16.26
CA ILE B 12 14.04 22.66 16.23
C ILE B 12 13.57 23.04 17.62
N TYR B 13 14.29 22.56 18.63
CA TYR B 13 14.02 22.88 20.03
C TYR B 13 15.38 22.96 20.73
N SER B 14 15.66 24.08 21.37
CA SER B 14 16.93 24.24 22.08
C SER B 14 16.69 24.95 23.41
N ASN B 15 17.22 24.37 24.48
CA ASN B 15 17.05 24.89 25.83
C ASN B 15 18.34 24.77 26.58
N ASN B 16 18.23 24.92 27.90
CA ASN B 16 19.36 24.76 28.80
C ASN B 16 19.25 23.32 29.26
N TYR B 17 18.12 22.68 28.94
CA TYR B 17 17.87 21.32 29.35
C TYR B 17 18.03 20.30 28.24
N GLY B 18 17.84 20.73 27.00
CA GLY B 18 17.98 19.79 25.90
C GLY B 18 17.83 20.37 24.52
N LYS B 19 18.12 19.55 23.51
CA LYS B 19 18.02 19.97 22.12
C LYS B 19 17.39 18.83 21.32
N LEU B 20 16.66 19.19 20.27
CA LEU B 20 16.09 18.19 19.39
C LEU B 20 16.35 18.57 17.93
N TYR B 21 17.05 17.70 17.22
CA TYR B 21 17.37 17.88 15.80
C TYR B 21 16.39 17.04 15.01
N GLU B 22 15.88 17.55 13.91
CA GLU B 22 14.94 16.76 13.11
C GLU B 22 15.03 17.05 11.62
N ILE B 23 15.04 15.97 10.85
CA ILE B 23 15.06 16.05 9.39
C ILE B 23 13.84 15.30 8.92
N THR B 24 12.97 16.01 8.20
CA THR B 24 11.73 15.45 7.71
C THR B 24 11.78 15.13 6.24
N PRO B 25 10.84 14.31 5.74
CA PRO B 25 10.86 13.96 4.32
C PRO B 25 10.68 15.18 3.43
N GLU B 26 10.17 16.25 4.01
CA GLU B 26 9.94 17.47 3.29
C GLU B 26 11.24 18.21 2.98
N LYS B 27 12.25 18.03 3.83
CA LYS B 27 13.52 18.71 3.64
C LYS B 27 14.64 17.82 3.15
N ASN B 28 14.37 16.55 2.87
CA ASN B 28 15.42 15.65 2.41
C ASN B 28 14.88 14.59 1.43
N SER B 29 15.32 14.69 0.18
CA SER B 29 14.86 13.79 -0.88
C SER B 29 15.02 12.30 -0.59
N GLN B 30 16.14 11.90 -0.02
CA GLN B 30 16.34 10.48 0.29
C GLN B 30 15.24 10.00 1.21
N LEU B 31 14.98 10.81 2.22
CA LEU B 31 13.96 10.51 3.20
C LEU B 31 12.53 10.56 2.67
N ARG B 32 12.23 11.45 1.72
CA ARG B 32 10.85 11.50 1.25
C ARG B 32 10.44 10.25 0.47
N ASP B 33 11.42 9.56 -0.13
CA ASP B 33 11.13 8.33 -0.85
C ASP B 33 10.75 7.26 0.16
N LEU B 34 11.36 7.32 1.34
CA LEU B 34 11.09 6.34 2.37
C LEU B 34 10.00 6.76 3.31
N ASP B 35 9.57 8.03 3.22
CA ASP B 35 8.54 8.60 4.08
C ASP B 35 8.92 8.44 5.55
N ILE B 36 10.20 8.64 5.82
CA ILE B 36 10.77 8.50 7.15
C ILE B 36 11.26 9.85 7.68
N LEU B 37 11.33 9.95 8.99
CA LEU B 37 11.81 11.16 9.64
C LEU B 37 12.88 10.73 10.64
N LEU B 38 13.94 11.51 10.79
CA LEU B 38 15.00 11.18 11.71
C LEU B 38 15.21 12.30 12.72
N ASN B 39 15.56 11.95 13.94
CA ASN B 39 15.85 12.99 14.93
C ASN B 39 16.91 12.57 15.94
N CYS B 40 17.65 13.55 16.45
CA CYS B 40 18.72 13.31 17.42
C CYS B 40 18.32 14.10 18.65
N LEU B 41 18.20 13.41 19.78
CA LEU B 41 17.81 14.04 21.05
C LEU B 41 18.97 14.10 22.04
N GLN B 42 19.25 15.27 22.59
CA GLN B 42 20.32 15.44 23.57
C GLN B 42 19.72 16.14 24.77
N MET B 43 19.78 15.50 25.92
CA MET B 43 19.24 16.08 27.15
C MET B 43 20.25 16.04 28.31
N ASN B 44 20.21 17.05 29.16
CA ASN B 44 21.09 17.13 30.32
C ASN B 44 20.43 16.37 31.47
N GLU B 45 21.24 15.63 32.24
CA GLU B 45 20.73 14.86 33.36
C GLU B 45 19.75 15.69 34.16
N GLY B 46 18.57 15.12 34.42
CA GLY B 46 17.54 15.80 35.18
C GLY B 46 16.48 16.48 34.32
N ALA B 47 16.76 16.65 33.04
CA ALA B 47 15.83 17.28 32.12
C ALA B 47 14.62 16.40 31.77
N LEU B 48 13.46 17.04 31.66
CA LEU B 48 12.24 16.34 31.32
C LEU B 48 11.71 16.88 30.00
N PHE B 49 11.48 15.95 29.08
CA PHE B 49 10.93 16.23 27.76
C PHE B 49 9.41 16.11 27.99
N VAL B 50 8.75 17.24 28.21
CA VAL B 50 7.31 17.30 28.51
C VAL B 50 6.34 16.47 27.66
N PRO B 51 5.21 16.08 28.26
CA PRO B 51 4.16 15.28 27.60
C PRO B 51 3.73 15.88 26.26
N HIS B 52 3.80 15.07 25.22
CA HIS B 52 3.42 15.52 23.89
C HIS B 52 3.15 14.27 23.08
N TYR B 53 2.63 14.44 21.87
CA TYR B 53 2.39 13.29 21.01
C TYR B 53 2.55 13.72 19.56
N ASN B 54 2.88 12.78 18.68
CA ASN B 54 3.03 13.05 17.25
C ASN B 54 1.70 12.74 16.54
N SER B 55 1.25 13.62 15.67
CA SER B 55 -0.02 13.38 14.97
C SER B 55 -0.06 12.17 14.01
N ARG B 56 1.00 11.97 13.22
CA ARG B 56 1.00 10.85 12.27
C ARG B 56 2.19 9.86 12.34
N ALA B 57 3.32 10.33 12.83
CA ALA B 57 4.51 9.50 12.89
C ALA B 57 4.63 8.50 14.05
N THR B 58 5.10 7.29 13.74
CA THR B 58 5.31 6.29 14.77
C THR B 58 6.83 6.30 14.91
N VAL B 59 7.30 6.74 16.08
CA VAL B 59 8.74 6.85 16.29
C VAL B 59 9.40 5.70 17.04
N ILE B 60 10.49 5.22 16.48
CA ILE B 60 11.24 4.16 17.11
C ILE B 60 12.41 4.90 17.77
N LEU B 61 12.40 4.95 19.10
CA LEU B 61 13.45 5.61 19.86
C LEU B 61 14.56 4.66 20.26
N VAL B 62 15.78 5.09 20.03
CA VAL B 62 16.93 4.27 20.35
C VAL B 62 17.78 4.99 21.37
N ALA B 63 18.14 4.29 22.44
CA ALA B 63 18.98 4.85 23.47
C ALA B 63 20.42 4.64 22.99
N ASN B 64 21.12 5.74 22.73
CA ASN B 64 22.49 5.66 22.25
C ASN B 64 23.49 5.88 23.39
N GLU B 65 23.21 6.87 24.24
CA GLU B 65 24.05 7.19 25.38
C GLU B 65 23.22 7.65 26.58
N GLY B 66 23.44 7.00 27.72
CA GLY B 66 22.72 7.37 28.92
C GLY B 66 21.46 6.57 29.17
N ARG B 67 20.81 6.86 30.28
CA ARG B 67 19.60 6.17 30.64
C ARG B 67 18.42 7.13 30.59
N ALA B 68 17.25 6.61 30.19
CA ALA B 68 16.07 7.43 30.07
C ALA B 68 14.84 6.80 30.70
N GLU B 69 14.10 7.60 31.46
CA GLU B 69 12.87 7.12 32.10
C GLU B 69 11.72 7.64 31.25
N VAL B 70 11.16 6.77 30.41
CA VAL B 70 10.06 7.17 29.55
C VAL B 70 8.71 6.69 30.07
N GLU B 71 7.70 7.54 29.90
CA GLU B 71 6.34 7.25 30.31
C GLU B 71 5.42 7.41 29.10
N LEU B 72 4.94 6.29 28.58
CA LEU B 72 4.08 6.26 27.42
C LEU B 72 2.65 5.93 27.86
N VAL B 73 1.70 6.73 27.39
CA VAL B 73 0.29 6.51 27.73
C VAL B 73 -0.50 6.04 26.54
N GLY B 74 -1.17 4.90 26.68
CA GLY B 74 -1.97 4.36 25.59
C GLY B 74 -3.37 3.96 26.03
N LEU B 75 -4.17 3.42 25.11
CA LEU B 75 -5.52 2.99 25.49
C LEU B 75 -5.78 1.50 25.25
N MET C 1 -12.83 -0.05 26.96
CA MET C 1 -11.43 0.46 26.89
C MET C 1 -10.87 0.77 28.27
N GLN C 2 -9.56 0.66 28.41
CA GLN C 2 -8.91 0.89 29.68
C GLN C 2 -7.58 1.59 29.50
N LEU C 3 -7.53 2.84 29.94
CA LEU C 3 -6.33 3.67 29.88
C LEU C 3 -5.19 2.91 30.54
N ARG C 4 -3.99 3.03 30.00
CA ARG C 4 -2.84 2.30 30.53
C ARG C 4 -1.53 3.04 30.39
N ARG C 5 -0.64 2.88 31.37
CA ARG C 5 0.65 3.53 31.32
C ARG C 5 1.78 2.53 31.11
N TYR C 6 2.72 2.88 30.24
CA TYR C 6 3.86 2.02 29.96
C TYR C 6 5.09 2.81 30.38
N ALA C 7 5.64 2.45 31.53
CA ALA C 7 6.84 3.12 32.04
C ALA C 7 8.01 2.16 31.94
N ALA C 8 9.19 2.71 31.74
CA ALA C 8 10.37 1.89 31.62
C ALA C 8 11.59 2.76 31.58
N THR C 9 12.70 2.23 32.10
CA THR C 9 13.96 2.94 32.08
C THR C 9 14.75 2.25 30.99
N LEU C 10 15.27 3.03 30.05
CA LEU C 10 16.05 2.48 28.96
C LEU C 10 17.54 2.63 29.16
N SER C 11 18.30 1.61 28.78
CA SER C 11 19.75 1.66 28.87
C SER C 11 20.25 1.70 27.43
N GLU C 12 21.52 2.00 27.27
CA GLU C 12 22.11 2.09 25.95
C GLU C 12 21.78 0.84 25.11
N GLY C 13 21.32 1.06 23.88
CA GLY C 13 20.98 -0.05 23.01
C GLY C 13 19.51 -0.43 23.09
N ASP C 14 18.82 0.02 24.14
CA ASP C 14 17.40 -0.31 24.28
C ASP C 14 16.58 0.52 23.32
N ILE C 15 15.41 -0.01 22.97
CA ILE C 15 14.51 0.64 22.03
C ILE C 15 13.08 0.66 22.54
N ILE C 16 12.39 1.77 22.30
CA ILE C 16 10.99 1.92 22.69
C ILE C 16 10.23 2.44 21.47
N VAL C 17 9.07 1.89 21.20
CA VAL C 17 8.29 2.35 20.06
C VAL C 17 7.17 3.23 20.57
N ILE C 18 7.01 4.41 19.96
CA ILE C 18 5.99 5.36 20.37
C ILE C 18 4.98 5.57 19.24
N PRO C 19 3.81 4.95 19.36
CA PRO C 19 2.76 5.07 18.35
C PRO C 19 2.26 6.51 18.20
N SER C 20 1.79 6.85 17.01
CA SER C 20 1.28 8.20 16.82
C SER C 20 -0.01 8.40 17.62
N SER C 21 -0.20 9.63 18.09
CA SER C 21 -1.36 10.02 18.88
C SER C 21 -1.29 9.60 20.35
N PHE C 22 -0.27 8.81 20.69
CA PHE C 22 -0.07 8.36 22.06
C PHE C 22 0.77 9.41 22.76
N PRO C 23 0.30 9.93 23.90
CA PRO C 23 1.07 10.95 24.61
C PRO C 23 2.33 10.29 25.22
N VAL C 24 3.46 10.97 25.15
CA VAL C 24 4.67 10.42 25.72
C VAL C 24 5.48 11.51 26.39
N ALA C 25 6.32 11.09 27.32
CA ALA C 25 7.19 12.01 28.05
C ALA C 25 8.37 11.19 28.55
N LEU C 26 9.55 11.80 28.61
CA LEU C 26 10.71 11.09 29.10
C LEU C 26 11.72 12.00 29.78
N LYS C 27 12.32 11.47 30.84
CA LYS C 27 13.30 12.19 31.64
C LYS C 27 14.69 11.59 31.53
N ALA C 28 15.69 12.47 31.39
CA ALA C 28 17.08 12.08 31.27
C ALA C 28 17.64 11.70 32.62
N ALA C 29 17.76 10.39 32.88
CA ALA C 29 18.29 9.89 34.15
C ALA C 29 19.77 10.22 34.28
N SER C 30 20.41 10.48 33.16
CA SER C 30 21.82 10.86 33.09
C SER C 30 21.91 11.67 31.81
N ASP C 31 23.09 12.13 31.43
CA ASP C 31 23.18 12.87 30.18
C ASP C 31 22.73 11.91 29.10
N LEU C 32 21.66 12.30 28.40
CA LEU C 32 21.06 11.45 27.40
C LEU C 32 21.20 11.84 25.93
N ASN C 33 21.35 10.82 25.08
CA ASN C 33 21.42 11.00 23.64
C ASN C 33 20.59 9.89 22.99
N MET C 34 19.59 10.27 22.21
CA MET C 34 18.74 9.30 21.54
C MET C 34 18.57 9.58 20.05
N VAL C 35 18.36 8.53 19.28
CA VAL C 35 18.15 8.66 17.85
C VAL C 35 16.77 8.09 17.56
N GLY C 36 15.94 8.84 16.84
CA GLY C 36 14.61 8.35 16.55
C GLY C 36 14.41 8.18 15.07
N ILE C 37 13.58 7.21 14.69
CA ILE C 37 13.28 6.97 13.30
C ILE C 37 11.76 6.92 13.25
N GLY C 38 11.14 7.89 12.59
CA GLY C 38 9.70 7.90 12.50
C GLY C 38 9.18 7.43 11.14
N VAL C 39 8.23 6.51 11.13
CA VAL C 39 7.65 6.04 9.89
C VAL C 39 6.30 6.74 9.73
N ASN C 40 5.83 6.83 8.49
CA ASN C 40 4.56 7.53 8.19
C ASN C 40 4.80 8.99 8.56
N ALA C 41 6.03 9.43 8.34
CA ALA C 41 6.49 10.77 8.68
C ALA C 41 5.89 11.96 7.99
N GLU C 42 5.54 11.83 6.72
CA GLU C 42 5.00 12.97 5.99
C GLU C 42 3.88 13.69 6.72
N ASN C 43 4.05 15.00 6.87
CA ASN C 43 3.05 15.81 7.52
C ASN C 43 2.90 15.63 9.02
N ASN C 44 3.88 15.00 9.64
CA ASN C 44 3.78 14.81 11.08
C ASN C 44 3.87 16.15 11.78
N GLU C 45 3.06 16.33 12.81
CA GLU C 45 3.06 17.55 13.59
C GLU C 45 3.07 17.12 15.06
N ARG C 46 3.89 17.80 15.85
CA ARG C 46 4.01 17.45 17.25
C ARG C 46 3.14 18.39 18.10
N ASN C 47 2.26 17.82 18.92
CA ASN C 47 1.38 18.61 19.78
C ASN C 47 1.81 18.48 21.23
N PHE C 48 2.09 19.58 21.90
CA PHE C 48 2.50 19.53 23.30
C PHE C 48 1.34 19.74 24.29
N LEU C 49 1.44 19.08 25.45
CA LEU C 49 0.41 19.15 26.48
C LEU C 49 0.77 19.99 27.70
N ALA C 50 2.03 20.37 27.80
CA ALA C 50 2.52 21.20 28.89
C ALA C 50 3.57 22.12 28.31
N GLY C 51 3.98 23.13 29.08
CA GLY C 51 4.98 24.04 28.58
C GLY C 51 4.30 25.27 28.03
N HIS C 52 5.08 26.20 27.54
CA HIS C 52 4.50 27.43 27.04
C HIS C 52 4.20 27.50 25.54
N LYS C 53 5.11 27.02 24.70
CA LYS C 53 4.89 27.08 23.26
C LYS C 53 4.33 25.77 22.72
N GLU C 54 3.42 25.90 21.74
CA GLU C 54 2.78 24.77 21.08
C GLU C 54 2.02 23.84 22.03
N ASN C 55 1.35 24.44 23.00
CA ASN C 55 0.57 23.72 23.99
C ASN C 55 -0.90 23.78 23.59
N VAL C 56 -1.40 22.70 22.98
CA VAL C 56 -2.77 22.63 22.51
C VAL C 56 -3.81 22.89 23.58
N ILE C 57 -3.53 22.55 24.82
CA ILE C 57 -4.56 22.81 25.82
C ILE C 57 -4.76 24.32 26.00
N ARG C 58 -3.68 25.09 25.88
CA ARG C 58 -3.72 26.54 26.03
C ARG C 58 -4.57 27.26 25.00
N GLN C 59 -4.87 26.58 23.90
CA GLN C 59 -5.64 27.17 22.83
C GLN C 59 -7.16 27.03 22.99
N ILE C 60 -7.58 26.22 23.96
CA ILE C 60 -9.01 26.02 24.18
C ILE C 60 -9.55 27.21 24.94
N PRO C 61 -10.59 27.86 24.39
CA PRO C 61 -11.21 29.04 25.01
C PRO C 61 -11.66 28.76 26.44
N ARG C 62 -11.63 29.80 27.26
CA ARG C 62 -12.01 29.68 28.66
C ARG C 62 -13.39 29.05 28.88
N GLN C 63 -14.39 29.47 28.10
CA GLN C 63 -15.75 28.94 28.25
C GLN C 63 -15.75 27.42 28.19
N VAL C 64 -15.15 26.86 27.14
CA VAL C 64 -15.10 25.41 26.97
C VAL C 64 -14.11 24.72 27.92
N SER C 65 -12.97 25.34 28.21
CA SER C 65 -12.04 24.71 29.14
C SER C 65 -12.79 24.46 30.44
N ASP C 66 -13.53 25.48 30.86
CA ASP C 66 -14.31 25.40 32.09
C ASP C 66 -15.24 24.19 32.08
N LEU C 67 -15.79 23.88 30.92
CA LEU C 67 -16.69 22.74 30.77
C LEU C 67 -15.98 21.39 30.64
N THR C 68 -14.75 21.40 30.16
CA THR C 68 -14.02 20.14 29.99
C THR C 68 -13.15 19.77 31.20
N PHE C 69 -12.86 20.75 32.06
CA PHE C 69 -12.04 20.49 33.23
C PHE C 69 -12.75 20.77 34.55
N PRO C 70 -12.44 20.00 35.60
CA PRO C 70 -13.07 20.17 36.91
C PRO C 70 -12.87 21.57 37.50
N GLY C 71 -11.75 22.20 37.17
CA GLY C 71 -11.50 23.54 37.66
C GLY C 71 -12.27 24.52 36.81
N SER C 72 -12.05 25.81 37.04
CA SER C 72 -12.73 26.86 36.28
C SER C 72 -11.83 27.39 35.18
N GLY C 73 -12.42 28.00 34.17
CA GLY C 73 -11.66 28.54 33.06
C GLY C 73 -10.45 29.34 33.47
N GLU C 74 -10.65 30.27 34.40
CA GLU C 74 -9.56 31.09 34.90
C GLU C 74 -8.50 30.24 35.58
N GLU C 75 -8.95 29.37 36.48
CA GLU C 75 -8.05 28.48 37.20
C GLU C 75 -7.20 27.65 36.24
N VAL C 76 -7.87 27.02 35.27
CA VAL C 76 -7.16 26.20 34.28
C VAL C 76 -6.13 27.03 33.55
N GLU C 77 -6.55 28.22 33.13
CA GLU C 77 -5.67 29.13 32.42
C GLU C 77 -4.41 29.51 33.21
N GLU C 78 -4.54 29.80 34.50
CA GLU C 78 -3.39 30.15 35.30
C GLU C 78 -2.43 28.99 35.44
N LEU C 79 -2.97 27.81 35.76
CA LEU C 79 -2.18 26.59 35.93
C LEU C 79 -1.30 26.35 34.72
N LEU C 80 -1.85 26.57 33.53
CA LEU C 80 -1.10 26.37 32.30
C LEU C 80 -0.06 27.45 32.07
N GLU C 81 -0.08 28.50 32.90
CA GLU C 81 0.87 29.61 32.79
C GLU C 81 2.07 29.52 33.75
N ASN C 82 1.98 28.68 34.77
CA ASN C 82 3.09 28.56 35.71
C ASN C 82 4.38 28.15 35.01
N GLN C 83 4.32 27.09 34.22
CA GLN C 83 5.49 26.61 33.48
C GLN C 83 5.86 27.67 32.44
N LYS C 84 7.05 28.23 32.57
CA LYS C 84 7.51 29.26 31.64
C LYS C 84 8.36 28.64 30.51
N GLU C 85 9.00 27.51 30.80
CA GLU C 85 9.82 26.86 29.79
C GLU C 85 8.96 26.20 28.74
N SER C 86 9.61 25.70 27.69
CA SER C 86 8.92 25.03 26.59
C SER C 86 9.71 23.77 26.20
N TYR C 87 8.99 22.71 25.84
CA TYR C 87 9.59 21.44 25.40
C TYR C 87 10.36 20.64 26.45
N PHE C 88 11.50 21.18 26.86
CA PHE C 88 12.35 20.54 27.85
C PHE C 88 12.32 21.40 29.10
N VAL C 89 12.17 20.78 30.26
CA VAL C 89 12.15 21.52 31.53
C VAL C 89 12.97 20.81 32.61
N ASP C 90 13.08 21.45 33.77
CA ASP C 90 13.82 20.85 34.87
C ASP C 90 12.94 19.81 35.53
N GLY C 91 13.31 18.54 35.40
CA GLY C 91 12.52 17.46 35.97
C GLY C 91 12.82 17.09 37.40
N GLN C 92 13.32 18.03 38.18
CA GLN C 92 13.66 17.77 39.58
C GLN C 92 12.40 17.68 40.42
N PRO C 93 12.39 16.75 41.40
CA PRO C 93 11.23 16.55 42.30
C PRO C 93 10.92 17.80 43.13
N ASN D 1 12.11 -29.39 -4.26
CA ASN D 1 10.88 -28.58 -4.59
C ASN D 1 11.21 -27.14 -4.97
N ASN D 2 10.64 -26.70 -6.09
CA ASN D 2 10.86 -25.35 -6.60
C ASN D 2 9.55 -24.56 -6.51
N PRO D 3 9.44 -23.66 -5.51
CA PRO D 3 8.21 -22.87 -5.36
C PRO D 3 8.04 -21.74 -6.37
N TYR D 4 9.10 -21.40 -7.10
CA TYR D 4 9.08 -20.33 -8.09
C TYR D 4 8.74 -20.79 -9.49
N LEU D 5 8.56 -22.08 -9.67
CA LEU D 5 8.23 -22.65 -10.98
C LEU D 5 6.73 -22.93 -11.16
N PHE D 6 6.20 -22.52 -12.31
CA PHE D 6 4.80 -22.73 -12.61
C PHE D 6 4.66 -23.32 -14.00
N ARG D 7 4.45 -24.64 -14.05
CA ARG D 7 4.29 -25.34 -15.32
C ARG D 7 2.93 -25.08 -15.93
N SER D 8 2.77 -25.45 -17.18
CA SER D 8 1.51 -25.26 -17.88
C SER D 8 0.36 -25.94 -17.16
N ASN D 9 0.63 -27.10 -16.57
CA ASN D 9 -0.40 -27.84 -15.85
C ASN D 9 -1.03 -27.04 -14.71
N LYS D 10 -0.30 -26.09 -14.14
CA LYS D 10 -0.81 -25.28 -13.04
C LYS D 10 -1.77 -24.18 -13.49
N PHE D 11 -2.22 -24.27 -14.75
CA PHE D 11 -3.17 -23.33 -15.32
C PHE D 11 -4.59 -23.91 -15.26
N LEU D 12 -5.45 -23.36 -14.43
CA LEU D 12 -6.83 -23.83 -14.35
C LEU D 12 -7.47 -23.36 -15.63
N THR D 13 -8.26 -24.22 -16.27
CA THR D 13 -8.90 -23.83 -17.51
C THR D 13 -10.29 -23.23 -17.26
N LEU D 14 -10.42 -21.93 -17.50
CA LEU D 14 -11.67 -21.21 -17.30
C LEU D 14 -12.73 -21.50 -18.36
N PHE D 15 -12.31 -21.83 -19.57
CA PHE D 15 -13.29 -22.08 -20.62
C PHE D 15 -12.67 -22.64 -21.89
N LYS D 16 -12.90 -23.91 -22.18
CA LYS D 16 -12.37 -24.50 -23.41
C LYS D 16 -13.52 -24.51 -24.38
N ASN D 17 -13.20 -24.65 -25.66
CA ASN D 17 -14.21 -24.61 -26.72
C ASN D 17 -13.42 -25.04 -27.95
N GLN D 18 -14.09 -25.45 -29.02
CA GLN D 18 -13.35 -25.87 -30.20
C GLN D 18 -12.82 -24.69 -31.02
N HIS D 19 -13.03 -23.48 -30.53
CA HIS D 19 -12.56 -22.28 -31.21
C HIS D 19 -11.47 -21.57 -30.44
N GLY D 20 -11.26 -21.99 -29.19
CA GLY D 20 -10.24 -21.38 -28.37
C GLY D 20 -10.38 -21.71 -26.91
N SER D 21 -9.51 -21.14 -26.09
CA SER D 21 -9.55 -21.39 -24.65
C SER D 21 -9.06 -20.21 -23.85
N LEU D 22 -9.49 -20.15 -22.59
CA LEU D 22 -9.08 -19.10 -21.68
C LEU D 22 -8.63 -19.81 -20.40
N ARG D 23 -7.40 -19.58 -19.98
CA ARG D 23 -6.89 -20.22 -18.79
C ARG D 23 -6.33 -19.24 -17.76
N LEU D 24 -6.46 -19.60 -16.49
CA LEU D 24 -6.01 -18.76 -15.40
C LEU D 24 -4.97 -19.48 -14.55
N LEU D 25 -3.89 -18.79 -14.21
CA LEU D 25 -2.83 -19.37 -13.40
C LEU D 25 -3.15 -19.29 -11.90
N GLN D 26 -2.95 -20.38 -11.17
CA GLN D 26 -3.21 -20.38 -9.74
C GLN D 26 -2.52 -19.18 -9.10
N ARG D 27 -3.03 -18.75 -7.95
CA ARG D 27 -2.42 -17.64 -7.23
C ARG D 27 -0.94 -17.93 -6.99
N PHE D 28 -0.09 -16.91 -7.14
CA PHE D 28 1.33 -17.09 -6.93
C PHE D 28 1.68 -17.50 -5.49
N ASN D 29 0.86 -17.08 -4.52
CA ASN D 29 1.08 -17.40 -3.11
C ASN D 29 0.19 -18.55 -2.65
N GLU D 30 -0.25 -19.37 -3.60
CA GLU D 30 -1.11 -20.49 -3.30
C GLU D 30 -0.39 -21.54 -2.47
N ASP D 31 0.70 -22.06 -3.02
CA ASP D 31 1.46 -23.11 -2.36
C ASP D 31 2.68 -22.63 -1.62
N THR D 32 2.85 -21.32 -1.49
CA THR D 32 4.03 -20.81 -0.81
C THR D 32 3.87 -19.41 -0.24
N GLU D 33 4.56 -19.17 0.87
CA GLU D 33 4.52 -17.87 1.52
C GLU D 33 5.69 -17.04 1.01
N LYS D 34 6.43 -17.57 0.04
CA LYS D 34 7.59 -16.88 -0.51
C LYS D 34 7.28 -15.86 -1.60
N LEU D 35 6.01 -15.77 -1.98
CA LEU D 35 5.61 -14.84 -3.04
C LEU D 35 4.42 -13.97 -2.63
N GLU D 36 4.40 -13.59 -1.36
CA GLU D 36 3.33 -12.76 -0.83
C GLU D 36 3.25 -11.45 -1.62
N ASN D 37 4.39 -10.96 -2.11
CA ASN D 37 4.44 -9.70 -2.86
C ASN D 37 3.84 -9.78 -4.26
N LEU D 38 3.38 -10.96 -4.66
CA LEU D 38 2.76 -11.12 -5.97
C LEU D 38 1.33 -11.56 -5.81
N ARG D 39 0.78 -11.40 -4.60
CA ARG D 39 -0.58 -11.83 -4.32
C ARG D 39 -1.68 -11.04 -5.03
N ASP D 40 -1.37 -9.81 -5.47
CA ASP D 40 -2.37 -9.00 -6.15
C ASP D 40 -2.42 -9.23 -7.66
N TYR D 41 -1.56 -10.11 -8.17
CA TYR D 41 -1.51 -10.36 -9.60
C TYR D 41 -1.95 -11.73 -10.01
N ARG D 42 -2.62 -11.80 -11.16
CA ARG D 42 -3.06 -13.07 -11.73
C ARG D 42 -2.64 -13.08 -13.18
N VAL D 43 -2.28 -14.26 -13.67
CA VAL D 43 -1.87 -14.43 -15.05
C VAL D 43 -2.95 -15.19 -15.80
N LEU D 44 -3.31 -14.69 -16.98
CA LEU D 44 -4.30 -15.37 -17.82
C LEU D 44 -3.72 -15.50 -19.21
N GLU D 45 -4.12 -16.56 -19.89
CA GLU D 45 -3.67 -16.84 -21.24
C GLU D 45 -4.93 -17.04 -22.09
N TYR D 46 -4.92 -16.47 -23.28
CA TYR D 46 -6.06 -16.60 -24.19
C TYR D 46 -5.59 -17.07 -25.57
N CYS D 47 -6.22 -18.13 -26.06
CA CYS D 47 -5.84 -18.69 -27.34
C CYS D 47 -7.10 -18.91 -28.17
N SER D 48 -7.12 -18.42 -29.41
CA SER D 48 -8.28 -18.58 -30.28
C SER D 48 -7.88 -18.89 -31.73
N LYS D 49 -8.76 -19.56 -32.46
CA LYS D 49 -8.50 -19.93 -33.84
C LYS D 49 -8.92 -18.80 -34.79
N PRO D 50 -8.65 -18.95 -36.09
CA PRO D 50 -9.02 -17.93 -37.08
C PRO D 50 -10.49 -17.55 -37.09
N ASN D 51 -10.75 -16.28 -37.39
CA ASN D 51 -12.10 -15.72 -37.46
C ASN D 51 -12.97 -16.07 -36.26
N THR D 52 -12.47 -15.71 -35.08
CA THR D 52 -13.17 -15.97 -33.84
C THR D 52 -13.37 -14.65 -33.09
N LEU D 53 -14.34 -14.64 -32.18
CA LEU D 53 -14.65 -13.46 -31.40
C LEU D 53 -14.92 -13.81 -29.94
N LEU D 54 -14.32 -13.04 -29.03
CA LEU D 54 -14.55 -13.22 -27.59
C LEU D 54 -15.64 -12.19 -27.27
N LEU D 55 -16.82 -12.68 -26.90
CA LEU D 55 -17.95 -11.82 -26.59
C LEU D 55 -17.66 -10.73 -25.58
N PRO D 56 -18.21 -9.52 -25.80
CA PRO D 56 -18.02 -8.38 -24.91
C PRO D 56 -18.27 -8.68 -23.45
N HIS D 57 -17.38 -8.18 -22.61
CA HIS D 57 -17.45 -8.36 -21.16
C HIS D 57 -16.50 -7.36 -20.52
N HIS D 58 -16.69 -7.07 -19.23
CA HIS D 58 -15.76 -6.17 -18.57
C HIS D 58 -15.16 -6.96 -17.41
N SER D 59 -13.97 -6.54 -16.98
CA SER D 59 -13.30 -7.21 -15.88
C SER D 59 -13.29 -6.26 -14.69
N ASP D 60 -13.23 -6.79 -13.47
CA ASP D 60 -13.21 -5.92 -12.33
C ASP D 60 -11.77 -5.49 -12.04
N SER D 61 -10.83 -6.00 -12.82
CA SER D 61 -9.42 -5.69 -12.64
C SER D 61 -8.80 -4.98 -13.85
N ASP D 62 -7.64 -4.39 -13.65
CA ASP D 62 -6.92 -3.74 -14.74
C ASP D 62 -6.23 -4.85 -15.49
N LEU D 63 -6.18 -4.74 -16.80
CA LEU D 63 -5.53 -5.76 -17.60
C LEU D 63 -4.42 -5.21 -18.46
N LEU D 64 -3.31 -5.93 -18.48
CA LEU D 64 -2.18 -5.56 -19.33
C LEU D 64 -2.26 -6.66 -20.37
N VAL D 65 -2.78 -6.34 -21.55
CA VAL D 65 -2.93 -7.30 -22.61
C VAL D 65 -1.73 -7.31 -23.55
N LEU D 66 -1.16 -8.49 -23.73
CA LEU D 66 0.04 -8.66 -24.53
C LEU D 66 -0.10 -9.77 -25.59
N VAL D 67 0.00 -9.40 -26.86
CA VAL D 67 -0.12 -10.35 -27.98
C VAL D 67 1.15 -11.20 -28.18
N LEU D 68 1.09 -12.46 -27.78
CA LEU D 68 2.24 -13.37 -27.91
C LEU D 68 2.44 -13.93 -29.29
N GLU D 69 1.34 -14.12 -30.02
CA GLU D 69 1.42 -14.68 -31.36
C GLU D 69 0.17 -14.30 -32.11
N GLY D 70 0.31 -14.03 -33.40
CA GLY D 70 -0.85 -13.68 -34.21
C GLY D 70 -1.09 -12.19 -34.35
N GLN D 71 -2.32 -11.86 -34.71
CA GLN D 71 -2.76 -10.50 -34.91
C GLN D 71 -4.16 -10.42 -34.29
N ALA D 72 -4.54 -9.25 -33.80
CA ALA D 72 -5.85 -9.13 -33.16
C ALA D 72 -6.49 -7.75 -33.26
N ILE D 73 -7.81 -7.73 -33.17
CA ILE D 73 -8.57 -6.49 -33.20
C ILE D 73 -9.16 -6.31 -31.81
N LEU D 74 -8.85 -5.20 -31.17
CA LEU D 74 -9.37 -4.93 -29.83
C LEU D 74 -10.32 -3.75 -29.85
N VAL D 75 -11.52 -3.95 -29.32
CA VAL D 75 -12.49 -2.88 -29.26
C VAL D 75 -12.86 -2.61 -27.80
N LEU D 76 -12.60 -1.38 -27.36
CA LEU D 76 -12.92 -0.99 -26.00
C LEU D 76 -14.17 -0.15 -26.10
N VAL D 77 -15.18 -0.50 -25.32
CA VAL D 77 -16.45 0.22 -25.34
C VAL D 77 -16.59 1.22 -24.20
N ASN D 78 -16.87 2.47 -24.56
CA ASN D 78 -17.05 3.55 -23.58
C ASN D 78 -18.52 3.91 -23.61
N PRO D 79 -19.04 4.49 -22.52
CA PRO D 79 -20.46 4.84 -22.53
C PRO D 79 -20.77 5.94 -23.55
N ASP D 80 -19.69 6.50 -24.07
CA ASP D 80 -19.75 7.61 -25.00
C ASP D 80 -19.56 7.18 -26.46
N GLY D 81 -18.86 6.08 -26.67
CA GLY D 81 -18.59 5.57 -28.00
C GLY D 81 -17.63 4.40 -27.86
N ARG D 82 -16.73 4.20 -28.82
CA ARG D 82 -15.78 3.11 -28.73
C ARG D 82 -14.47 3.34 -29.44
N ASP D 83 -13.46 2.59 -29.05
CA ASP D 83 -12.13 2.69 -29.64
C ASP D 83 -11.70 1.34 -30.20
N THR D 84 -11.23 1.35 -31.45
CA THR D 84 -10.79 0.13 -32.10
C THR D 84 -9.26 0.11 -32.24
N TYR D 85 -8.64 -1.01 -31.92
CA TYR D 85 -7.19 -1.13 -32.03
C TYR D 85 -6.78 -2.39 -32.76
N LYS D 86 -5.77 -2.26 -33.59
CA LYS D 86 -5.26 -3.39 -34.33
C LYS D 86 -3.95 -3.77 -33.66
N LEU D 87 -3.90 -4.93 -33.04
CA LEU D 87 -2.70 -5.37 -32.35
C LEU D 87 -1.89 -6.38 -33.14
N ASP D 88 -0.57 -6.21 -33.14
CA ASP D 88 0.36 -7.11 -33.84
C ASP D 88 1.23 -7.84 -32.83
N GLN D 89 1.78 -8.98 -33.25
CA GLN D 89 2.65 -9.76 -32.36
C GLN D 89 3.62 -8.81 -31.67
N GLY D 90 3.61 -8.80 -30.34
CA GLY D 90 4.50 -7.92 -29.59
C GLY D 90 3.87 -6.66 -29.03
N ASP D 91 2.69 -6.33 -29.50
CA ASP D 91 1.98 -5.15 -29.03
C ASP D 91 1.38 -5.40 -27.64
N ALA D 92 1.33 -4.35 -26.83
CA ALA D 92 0.76 -4.43 -25.49
C ALA D 92 -0.14 -3.22 -25.28
N ILE D 93 -1.12 -3.37 -24.41
CA ILE D 93 -2.02 -2.27 -24.10
C ILE D 93 -2.74 -2.52 -22.78
N LYS D 94 -3.03 -1.44 -22.06
CA LYS D 94 -3.71 -1.55 -20.76
C LYS D 94 -5.22 -1.36 -20.96
N ILE D 95 -6.01 -2.22 -20.31
CA ILE D 95 -7.45 -2.09 -20.40
C ILE D 95 -7.90 -1.81 -18.96
N GLN D 96 -8.41 -0.60 -18.72
CA GLN D 96 -8.85 -0.24 -17.38
C GLN D 96 -10.06 -1.04 -16.91
N ALA D 97 -10.03 -1.46 -15.65
CA ALA D 97 -11.14 -2.21 -15.09
C ALA D 97 -12.48 -1.55 -15.37
N GLY D 98 -13.49 -2.37 -15.64
CA GLY D 98 -14.82 -1.84 -15.90
C GLY D 98 -15.13 -1.43 -17.33
N THR D 99 -14.14 -1.54 -18.19
CA THR D 99 -14.29 -1.19 -19.59
C THR D 99 -14.78 -2.42 -20.34
N PRO D 100 -15.99 -2.36 -20.93
CA PRO D 100 -16.41 -3.55 -21.64
C PRO D 100 -15.53 -3.64 -22.88
N PHE D 101 -15.26 -4.84 -23.38
CA PHE D 101 -14.44 -4.97 -24.56
C PHE D 101 -14.58 -6.34 -25.19
N TYR D 102 -14.24 -6.42 -26.47
CA TYR D 102 -14.28 -7.69 -27.17
C TYR D 102 -13.04 -7.83 -28.06
N LEU D 103 -12.62 -9.07 -28.26
CA LEU D 103 -11.42 -9.35 -29.02
C LEU D 103 -11.75 -10.16 -30.26
N ILE D 104 -11.06 -9.86 -31.36
CA ILE D 104 -11.28 -10.56 -32.61
C ILE D 104 -9.97 -11.03 -33.26
N ASN D 105 -9.97 -12.26 -33.76
CA ASN D 105 -8.81 -12.79 -34.46
C ASN D 105 -9.25 -12.72 -35.92
N PRO D 106 -8.85 -11.66 -36.62
CA PRO D 106 -9.24 -11.48 -38.02
C PRO D 106 -8.52 -12.40 -39.01
N ASP D 107 -7.33 -12.87 -38.66
CA ASP D 107 -6.58 -13.72 -39.58
C ASP D 107 -7.35 -14.97 -39.98
N ASN D 108 -7.00 -15.53 -41.12
CA ASN D 108 -7.70 -16.72 -41.60
C ASN D 108 -6.89 -18.03 -41.55
N ASN D 109 -5.64 -17.96 -41.09
CA ASN D 109 -4.81 -19.17 -41.01
C ASN D 109 -4.02 -19.28 -39.71
N GLN D 110 -3.64 -18.14 -39.15
CA GLN D 110 -2.84 -18.09 -37.93
C GLN D 110 -3.66 -17.92 -36.64
N ASN D 111 -3.32 -18.70 -35.62
CA ASN D 111 -4.02 -18.61 -34.34
C ASN D 111 -3.65 -17.33 -33.60
N LEU D 112 -4.30 -17.10 -32.47
CA LEU D 112 -4.02 -15.92 -31.68
C LEU D 112 -3.71 -16.33 -30.24
N ARG D 113 -2.55 -15.94 -29.74
CA ARG D 113 -2.19 -16.25 -28.35
C ARG D 113 -1.89 -14.95 -27.62
N ILE D 114 -2.65 -14.72 -26.56
CA ILE D 114 -2.52 -13.51 -25.76
C ILE D 114 -2.24 -13.78 -24.29
N LEU D 115 -1.41 -12.94 -23.70
CA LEU D 115 -1.08 -13.06 -22.29
C LEU D 115 -1.81 -11.89 -21.62
N LYS D 116 -2.51 -12.17 -20.52
CA LYS D 116 -3.22 -11.13 -19.79
C LYS D 116 -2.69 -11.03 -18.37
N PHE D 117 -2.04 -9.92 -18.05
CA PHE D 117 -1.55 -9.74 -16.69
C PHE D 117 -2.61 -8.91 -15.98
N ALA D 118 -3.26 -9.49 -14.98
CA ALA D 118 -4.30 -8.78 -14.24
C ALA D 118 -3.81 -8.17 -12.93
N ILE D 119 -4.13 -6.90 -12.72
CA ILE D 119 -3.77 -6.21 -11.49
C ILE D 119 -5.08 -6.02 -10.74
N THR D 120 -5.26 -6.77 -9.66
CA THR D 120 -6.48 -6.74 -8.86
C THR D 120 -6.46 -5.72 -7.74
N PHE D 121 -7.63 -5.17 -7.42
CA PHE D 121 -7.72 -4.19 -6.35
C PHE D 121 -9.03 -4.27 -5.56
N ARG D 122 -10.09 -4.77 -6.16
CA ARG D 122 -11.37 -4.93 -5.46
C ARG D 122 -11.27 -6.07 -4.44
N ARG D 123 -10.87 -7.25 -4.93
CA ARG D 123 -10.69 -8.41 -4.06
C ARG D 123 -9.33 -8.99 -4.46
N PRO D 124 -8.28 -8.66 -3.71
CA PRO D 124 -6.90 -9.10 -3.94
C PRO D 124 -6.76 -10.54 -4.38
N GLY D 125 -6.02 -10.74 -5.47
CA GLY D 125 -5.79 -12.06 -5.99
C GLY D 125 -6.98 -12.66 -6.73
N THR D 126 -8.10 -11.94 -6.75
CA THR D 126 -9.29 -12.43 -7.43
C THR D 126 -9.65 -11.55 -8.62
N VAL D 127 -9.93 -12.17 -9.74
CA VAL D 127 -10.30 -11.46 -10.94
C VAL D 127 -11.61 -12.06 -11.45
N GLU D 128 -12.59 -11.19 -11.67
CA GLU D 128 -13.91 -11.58 -12.16
C GLU D 128 -14.21 -10.95 -13.51
N ASP D 129 -14.94 -11.68 -14.34
CA ASP D 129 -15.32 -11.19 -15.65
C ASP D 129 -16.83 -11.20 -15.75
N PHE D 130 -17.39 -10.11 -16.25
CA PHE D 130 -18.84 -10.01 -16.39
C PHE D 130 -19.26 -10.09 -17.85
N PHE D 131 -19.81 -11.23 -18.25
CA PHE D 131 -20.26 -11.36 -19.64
C PHE D 131 -21.72 -10.97 -19.82
N LEU D 132 -21.94 -10.19 -20.87
CA LEU D 132 -23.27 -9.71 -21.22
C LEU D 132 -24.12 -10.82 -21.84
N SER D 133 -23.46 -11.82 -22.42
CA SER D 133 -24.15 -12.94 -23.08
C SER D 133 -24.52 -14.12 -22.20
N SER D 134 -25.71 -14.68 -22.43
CA SER D 134 -26.14 -15.86 -21.69
C SER D 134 -25.59 -17.09 -22.43
N THR D 135 -24.96 -18.00 -21.69
CA THR D 135 -24.40 -19.20 -22.29
C THR D 135 -24.68 -20.36 -21.36
N LYS D 136 -24.27 -21.57 -21.72
CA LYS D 136 -24.52 -22.70 -20.84
C LYS D 136 -23.79 -22.45 -19.53
N ARG D 137 -22.49 -22.23 -19.64
CA ARG D 137 -21.62 -21.95 -18.50
C ARG D 137 -22.27 -21.00 -17.49
N LEU D 138 -22.75 -19.86 -17.97
CA LEU D 138 -23.35 -18.87 -17.10
C LEU D 138 -24.37 -17.95 -17.78
N PRO D 139 -25.44 -17.56 -17.08
CA PRO D 139 -26.40 -16.68 -17.75
C PRO D 139 -25.96 -15.22 -17.69
N SER D 140 -26.50 -14.39 -18.57
CA SER D 140 -26.16 -12.97 -18.60
C SER D 140 -26.50 -12.34 -17.27
N TYR D 141 -25.57 -11.56 -16.72
CA TYR D 141 -25.82 -10.93 -15.43
C TYR D 141 -27.04 -10.02 -15.43
N LEU D 142 -27.48 -9.58 -16.61
CA LEU D 142 -28.66 -8.74 -16.71
C LEU D 142 -29.87 -9.52 -16.24
N SER D 143 -29.78 -10.84 -16.33
CA SER D 143 -30.89 -11.69 -15.95
C SER D 143 -31.06 -11.84 -14.45
N ALA D 144 -30.07 -11.40 -13.68
CA ALA D 144 -30.16 -11.53 -12.23
C ALA D 144 -31.07 -10.48 -11.62
N PHE D 145 -31.48 -9.51 -12.41
CA PHE D 145 -32.39 -8.46 -11.93
C PHE D 145 -33.83 -8.96 -12.01
N SER D 146 -34.68 -8.50 -11.11
CA SER D 146 -36.08 -8.90 -11.10
C SER D 146 -36.82 -8.43 -12.35
N LYS D 147 -37.97 -9.03 -12.61
CA LYS D 147 -38.79 -8.68 -13.77
C LYS D 147 -39.20 -7.21 -13.79
N ASN D 148 -39.57 -6.67 -12.63
CA ASN D 148 -40.03 -5.29 -12.54
C ASN D 148 -38.91 -4.31 -12.82
N PHE D 149 -37.74 -4.58 -12.26
CA PHE D 149 -36.60 -3.71 -12.46
C PHE D 149 -36.25 -3.64 -13.93
N LEU D 150 -36.25 -4.80 -14.59
CA LEU D 150 -35.91 -4.84 -16.02
C LEU D 150 -36.94 -4.11 -16.88
N GLU D 151 -38.23 -4.39 -16.65
CA GLU D 151 -39.29 -3.76 -17.42
C GLU D 151 -39.28 -2.24 -17.31
N ALA D 152 -39.13 -1.75 -16.09
CA ALA D 152 -39.11 -0.30 -15.87
C ALA D 152 -37.88 0.27 -16.58
N SER D 153 -36.74 -0.36 -16.36
CA SER D 153 -35.48 0.06 -16.96
C SER D 153 -35.56 0.21 -18.48
N TYR D 154 -35.70 -0.92 -19.16
CA TYR D 154 -35.75 -0.93 -20.61
C TYR D 154 -37.07 -0.48 -21.20
N ASP D 155 -38.06 -0.28 -20.33
CA ASP D 155 -39.40 0.17 -20.73
C ASP D 155 -39.93 -0.72 -21.85
N SER D 156 -40.03 -2.01 -21.57
CA SER D 156 -40.51 -3.00 -22.52
C SER D 156 -41.04 -4.25 -21.81
N PRO D 157 -42.04 -4.91 -22.40
CA PRO D 157 -42.58 -6.11 -21.78
C PRO D 157 -41.46 -7.11 -21.54
N TYR D 158 -41.48 -7.75 -20.38
CA TYR D 158 -40.44 -8.70 -20.04
C TYR D 158 -40.14 -9.78 -21.09
N ASP D 159 -41.10 -10.64 -21.38
CA ASP D 159 -40.86 -11.73 -22.35
C ASP D 159 -40.20 -11.26 -23.64
N GLU D 160 -40.26 -9.96 -23.92
CA GLU D 160 -39.64 -9.42 -25.12
C GLU D 160 -38.17 -9.17 -24.82
N ILE D 161 -37.89 -8.81 -23.56
CA ILE D 161 -36.53 -8.55 -23.12
C ILE D 161 -35.82 -9.89 -23.09
N GLU D 162 -36.48 -10.86 -22.47
CA GLU D 162 -35.93 -12.20 -22.35
C GLU D 162 -35.50 -12.79 -23.68
N GLN D 163 -36.37 -12.74 -24.67
CA GLN D 163 -36.01 -13.33 -25.95
C GLN D 163 -35.06 -12.51 -26.79
N THR D 164 -34.96 -11.21 -26.53
CA THR D 164 -34.06 -10.35 -27.31
C THR D 164 -32.63 -10.32 -26.78
N LEU D 165 -32.44 -10.43 -25.47
CA LEU D 165 -31.09 -10.40 -24.94
C LEU D 165 -30.79 -11.24 -23.71
N LEU D 166 -31.80 -11.87 -23.12
CA LEU D 166 -31.54 -12.71 -21.95
C LEU D 166 -31.51 -14.19 -22.24
N GLN D 167 -32.17 -14.59 -23.32
CA GLN D 167 -32.26 -15.99 -23.71
C GLN D 167 -30.93 -16.59 -24.08
N GLU D 168 -30.66 -17.77 -23.53
CA GLU D 168 -29.43 -18.50 -23.79
C GLU D 168 -29.25 -18.72 -25.29
N GLU D 169 -28.35 -17.94 -25.88
CA GLU D 169 -28.06 -18.02 -27.32
C GLU D 169 -26.81 -18.85 -27.59
N GLN D 170 -25.67 -18.18 -27.61
CA GLN D 170 -24.39 -18.82 -27.91
C GLN D 170 -24.12 -20.06 -27.08
N GLU D 171 -23.21 -20.89 -27.59
CA GLU D 171 -22.83 -22.10 -26.88
C GLU D 171 -21.83 -21.66 -25.82
N GLY D 172 -20.83 -20.88 -26.24
CA GLY D 172 -19.82 -20.40 -25.33
C GLY D 172 -19.51 -18.94 -25.53
N VAL D 173 -18.53 -18.43 -24.77
CA VAL D 173 -18.15 -17.03 -24.87
C VAL D 173 -17.25 -16.75 -26.06
N ILE D 174 -16.67 -17.80 -26.65
CA ILE D 174 -15.82 -17.66 -27.82
C ILE D 174 -16.59 -18.25 -29.00
N VAL D 175 -16.98 -17.39 -29.95
CA VAL D 175 -17.72 -17.82 -31.13
C VAL D 175 -16.91 -17.53 -32.40
N LYS D 176 -17.47 -17.83 -33.56
CA LYS D 176 -16.75 -17.57 -34.80
C LYS D 176 -17.39 -16.47 -35.62
N MET D 177 -16.55 -15.59 -36.13
CA MET D 177 -16.98 -14.47 -36.96
C MET D 177 -17.51 -15.00 -38.29
N PRO D 178 -18.67 -14.51 -38.73
CA PRO D 178 -19.25 -14.97 -40.00
C PRO D 178 -18.42 -14.56 -41.23
N ASP E 1 -4.58 6.37 -24.52
CA ASP E 1 -3.39 5.48 -24.62
C ASP E 1 -3.48 4.51 -25.79
N LYS E 2 -2.41 4.42 -26.56
CA LYS E 2 -2.37 3.52 -27.71
C LYS E 2 -1.45 2.33 -27.44
N PRO E 3 -1.52 1.32 -28.32
CA PRO E 3 -0.69 0.12 -28.17
C PRO E 3 0.78 0.48 -28.40
N PHE E 4 1.68 -0.28 -27.77
CA PHE E 4 3.10 -0.06 -27.93
C PHE E 4 3.75 -1.41 -28.08
N ASN E 5 4.76 -1.51 -28.94
CA ASN E 5 5.40 -2.78 -29.16
C ASN E 5 6.63 -2.99 -28.28
N LEU E 6 6.86 -4.22 -27.87
CA LEU E 6 8.01 -4.55 -27.02
C LEU E 6 9.34 -4.28 -27.71
N ARG E 7 9.38 -4.45 -29.03
CA ARG E 7 10.60 -4.25 -29.79
C ARG E 7 10.64 -2.92 -30.51
N SER E 8 9.80 -1.98 -30.09
CA SER E 8 9.75 -0.65 -30.70
C SER E 8 10.99 0.21 -30.48
N ARG E 9 11.76 -0.10 -29.44
CA ARG E 9 12.98 0.65 -29.13
C ARG E 9 14.17 -0.28 -29.37
N ASP E 10 15.38 0.27 -29.37
CA ASP E 10 16.59 -0.55 -29.56
C ASP E 10 16.78 -1.48 -28.36
N PRO E 11 17.32 -2.68 -28.58
CA PRO E 11 17.54 -3.61 -27.46
C PRO E 11 18.59 -3.01 -26.53
N ILE E 12 18.52 -3.38 -25.25
CA ILE E 12 19.48 -2.86 -24.29
C ILE E 12 20.73 -3.72 -24.23
N TYR E 13 20.61 -4.95 -24.74
CA TYR E 13 21.73 -5.89 -24.82
C TYR E 13 21.60 -6.63 -26.15
N SER E 14 22.59 -6.48 -27.02
CA SER E 14 22.57 -7.16 -28.31
C SER E 14 23.90 -7.85 -28.60
N ASN E 15 23.80 -9.14 -28.94
CA ASN E 15 24.97 -9.98 -29.21
C ASN E 15 24.80 -10.82 -30.45
N ASN E 16 25.63 -11.84 -30.51
CA ASN E 16 25.60 -12.82 -31.59
C ASN E 16 24.87 -13.97 -30.92
N TYR E 17 24.78 -13.91 -29.60
CA TYR E 17 24.13 -14.96 -28.85
C TYR E 17 22.71 -14.62 -28.44
N GLY E 18 22.43 -13.32 -28.25
CA GLY E 18 21.09 -12.91 -27.84
C GLY E 18 20.80 -11.42 -27.80
N LYS E 19 19.52 -11.08 -27.62
CA LYS E 19 19.06 -9.69 -27.55
C LYS E 19 18.06 -9.53 -26.41
N LEU E 20 18.06 -8.39 -25.75
CA LEU E 20 17.09 -8.14 -24.69
C LEU E 20 16.44 -6.79 -24.89
N TYR E 21 15.13 -6.79 -25.06
CA TYR E 21 14.37 -5.56 -25.24
C TYR E 21 13.72 -5.21 -23.91
N GLU E 22 13.74 -3.94 -23.52
CA GLU E 22 13.11 -3.59 -22.26
C GLU E 22 12.42 -2.24 -22.25
N ILE E 23 11.21 -2.21 -21.72
CA ILE E 23 10.45 -0.98 -21.60
C ILE E 23 10.17 -0.80 -20.11
N THR E 24 10.65 0.30 -19.55
CA THR E 24 10.48 0.55 -18.13
C THR E 24 9.38 1.58 -17.86
N PRO E 25 8.88 1.63 -16.62
CA PRO E 25 7.83 2.60 -16.31
C PRO E 25 8.30 4.03 -16.53
N GLU E 26 9.61 4.25 -16.55
CA GLU E 26 10.15 5.59 -16.76
C GLU E 26 9.91 6.05 -18.20
N LYS E 27 9.97 5.13 -19.16
CA LYS E 27 9.79 5.47 -20.57
C LYS E 27 8.41 5.23 -21.19
N ASN E 28 7.44 4.81 -20.38
CA ASN E 28 6.10 4.52 -20.90
C ASN E 28 5.05 4.83 -19.85
N SER E 29 4.24 5.84 -20.12
CA SER E 29 3.19 6.28 -19.20
C SER E 29 2.23 5.19 -18.70
N GLN E 30 1.71 4.37 -19.60
CA GLN E 30 0.78 3.31 -19.20
C GLN E 30 1.44 2.39 -18.18
N LEU E 31 2.71 2.08 -18.40
CA LEU E 31 3.43 1.22 -17.50
C LEU E 31 3.75 1.87 -16.16
N ARG E 32 4.01 3.17 -16.13
CA ARG E 32 4.35 3.76 -14.84
C ARG E 32 3.17 3.79 -13.90
N ASP E 33 1.96 3.72 -14.45
CA ASP E 33 0.79 3.71 -13.59
C ASP E 33 0.74 2.37 -12.87
N LEU E 34 1.18 1.31 -13.54
CA LEU E 34 1.14 -0.01 -12.94
C LEU E 34 2.44 -0.40 -12.23
N ASP E 35 3.49 0.40 -12.42
CA ASP E 35 4.81 0.11 -11.85
C ASP E 35 5.32 -1.24 -12.36
N ILE E 36 5.08 -1.49 -13.65
CA ILE E 36 5.47 -2.73 -14.31
C ILE E 36 6.53 -2.45 -15.38
N LEU E 37 7.36 -3.45 -15.63
CA LEU E 37 8.39 -3.36 -16.65
C LEU E 37 8.18 -4.58 -17.54
N LEU E 38 8.36 -4.41 -18.84
CA LEU E 38 8.16 -5.51 -19.78
C LEU E 38 9.39 -5.77 -20.63
N ASN E 39 9.72 -7.02 -20.86
CA ASN E 39 10.86 -7.30 -21.71
C ASN E 39 10.73 -8.55 -22.58
N CYS E 40 11.37 -8.51 -23.74
CA CYS E 40 11.36 -9.60 -24.70
C CYS E 40 12.78 -10.17 -24.76
N LEU E 41 12.92 -11.47 -24.59
CA LEU E 41 14.23 -12.11 -24.61
C LEU E 41 14.40 -13.05 -25.79
N GLN E 42 15.42 -12.82 -26.62
CA GLN E 42 15.66 -13.70 -27.76
C GLN E 42 17.10 -14.22 -27.71
N MET E 43 17.24 -15.54 -27.65
CA MET E 43 18.55 -16.17 -27.59
C MET E 43 18.71 -17.29 -28.62
N ASN E 44 19.92 -17.44 -29.16
CA ASN E 44 20.20 -18.51 -30.10
C ASN E 44 20.56 -19.76 -29.31
N GLU E 45 20.21 -20.92 -29.84
CA GLU E 45 20.49 -22.18 -29.17
C GLU E 45 21.94 -22.24 -28.71
N GLY E 46 22.13 -22.63 -27.46
CA GLY E 46 23.47 -22.74 -26.91
C GLY E 46 23.93 -21.51 -26.15
N ALA E 47 23.22 -20.39 -26.35
CA ALA E 47 23.56 -19.13 -25.69
C ALA E 47 23.24 -19.17 -24.20
N LEU E 48 24.09 -18.53 -23.41
CA LEU E 48 23.91 -18.47 -21.97
C LEU E 48 23.77 -17.03 -21.48
N PHE E 49 22.71 -16.77 -20.71
CA PHE E 49 22.45 -15.44 -20.14
C PHE E 49 23.17 -15.51 -18.79
N VAL E 50 24.34 -14.90 -18.72
CA VAL E 50 25.17 -14.95 -17.53
C VAL E 50 24.49 -14.58 -16.23
N PRO E 51 25.05 -15.06 -15.11
CA PRO E 51 24.53 -14.80 -13.76
C PRO E 51 24.41 -13.30 -13.46
N HIS E 52 23.21 -12.89 -13.05
CA HIS E 52 22.95 -11.50 -12.71
C HIS E 52 21.73 -11.51 -11.80
N TYR E 53 21.32 -10.32 -11.35
CA TYR E 53 20.14 -10.21 -10.51
C TYR E 53 19.58 -8.80 -10.63
N ASN E 54 18.27 -8.67 -10.47
CA ASN E 54 17.62 -7.37 -10.52
C ASN E 54 17.55 -6.86 -9.10
N SER E 55 17.81 -5.58 -8.92
CA SER E 55 17.80 -5.00 -7.59
C SER E 55 16.41 -4.89 -6.97
N ARG E 56 15.43 -4.43 -7.74
CA ARG E 56 14.09 -4.23 -7.19
C ARG E 56 12.92 -5.03 -7.77
N ALA E 57 12.96 -5.25 -9.08
CA ALA E 57 11.87 -5.94 -9.75
C ALA E 57 11.86 -7.46 -9.64
N THR E 58 10.68 -7.99 -9.40
CA THR E 58 10.50 -9.43 -9.35
C THR E 58 9.96 -9.70 -10.75
N VAL E 59 10.64 -10.56 -11.49
CA VAL E 59 10.22 -10.82 -12.85
C VAL E 59 9.51 -12.15 -13.06
N ILE E 60 8.41 -12.11 -13.79
CA ILE E 60 7.66 -13.31 -14.10
C ILE E 60 8.04 -13.64 -15.54
N LEU E 61 8.91 -14.63 -15.71
CA LEU E 61 9.35 -15.05 -17.04
C LEU E 61 8.41 -16.05 -17.68
N VAL E 62 8.11 -15.82 -18.96
CA VAL E 62 7.23 -16.72 -19.70
C VAL E 62 7.92 -17.32 -20.92
N ALA E 63 7.91 -18.65 -21.01
CA ALA E 63 8.51 -19.33 -22.14
C ALA E 63 7.49 -19.30 -23.27
N ASN E 64 7.78 -18.50 -24.29
CA ASN E 64 6.90 -18.35 -25.44
C ASN E 64 7.28 -19.38 -26.53
N GLU E 65 8.57 -19.44 -26.85
CA GLU E 65 9.08 -20.38 -27.86
C GLU E 65 10.43 -20.98 -27.47
N GLY E 66 10.56 -22.29 -27.60
CA GLY E 66 11.81 -22.92 -27.27
C GLY E 66 11.85 -23.39 -25.85
N ARG E 67 12.96 -24.00 -25.48
CA ARG E 67 13.14 -24.52 -24.15
C ARG E 67 14.29 -23.80 -23.48
N ALA E 68 14.20 -23.60 -22.17
CA ALA E 68 15.25 -22.89 -21.43
C ALA E 68 15.65 -23.61 -20.15
N GLU E 69 16.95 -23.68 -19.90
CA GLU E 69 17.47 -24.29 -18.69
C GLU E 69 17.83 -23.15 -17.76
N VAL E 70 16.99 -22.91 -16.76
CA VAL E 70 17.26 -21.81 -15.84
C VAL E 70 17.77 -22.27 -14.48
N GLU E 71 18.71 -21.51 -13.93
CA GLU E 71 19.28 -21.80 -12.63
C GLU E 71 19.13 -20.55 -11.77
N LEU E 72 18.31 -20.69 -10.75
CA LEU E 72 17.99 -19.60 -9.84
C LEU E 72 18.60 -19.89 -8.48
N VAL E 73 19.36 -18.95 -7.94
CA VAL E 73 19.96 -19.14 -6.63
C VAL E 73 19.20 -18.32 -5.59
N GLY E 74 18.81 -18.98 -4.49
CA GLY E 74 18.07 -18.28 -3.46
C GLY E 74 18.57 -18.49 -2.04
N LEU E 75 18.05 -17.68 -1.12
CA LEU E 75 18.43 -17.78 0.28
C LEU E 75 17.18 -17.88 1.13
N GLU E 76 16.91 -19.08 1.64
CA GLU E 76 15.73 -19.27 2.49
C GLU E 76 16.12 -19.21 3.97
N MET F 1 17.89 -20.50 7.23
CA MET F 1 19.05 -19.70 6.76
C MET F 1 20.10 -20.49 5.96
N GLN F 2 19.70 -21.06 4.82
CA GLN F 2 20.64 -21.82 4.00
C GLN F 2 20.51 -21.54 2.49
N LEU F 3 21.64 -21.68 1.79
CA LEU F 3 21.72 -21.45 0.36
C LEU F 3 21.08 -22.60 -0.41
N ARG F 4 20.38 -22.28 -1.49
CA ARG F 4 19.69 -23.29 -2.27
C ARG F 4 19.60 -22.95 -3.74
N ARG F 5 19.68 -23.98 -4.59
CA ARG F 5 19.58 -23.76 -6.03
C ARG F 5 18.26 -24.27 -6.57
N TYR F 6 17.69 -23.53 -7.51
CA TYR F 6 16.43 -23.92 -8.14
C TYR F 6 16.71 -24.01 -9.63
N ALA F 7 16.83 -25.23 -10.13
CA ALA F 7 17.09 -25.47 -11.54
C ALA F 7 15.86 -26.10 -12.14
N ALA F 8 15.59 -25.81 -13.40
CA ALA F 8 14.44 -26.39 -14.05
C ALA F 8 14.52 -26.10 -15.53
N THR F 9 13.99 -27.00 -16.35
CA THR F 9 13.99 -26.78 -17.77
C THR F 9 12.58 -26.35 -18.12
N LEU F 10 12.46 -25.24 -18.83
CA LEU F 10 11.15 -24.73 -19.17
C LEU F 10 10.73 -25.02 -20.60
N SER F 11 9.47 -25.43 -20.76
CA SER F 11 8.90 -25.70 -22.07
C SER F 11 7.96 -24.54 -22.38
N GLU F 12 7.53 -24.46 -23.64
CA GLU F 12 6.64 -23.39 -24.04
C GLU F 12 5.41 -23.35 -23.16
N GLY F 13 5.07 -22.15 -22.70
CA GLY F 13 3.92 -21.99 -21.83
C GLY F 13 4.28 -22.03 -20.35
N ASP F 14 5.45 -22.57 -20.01
CA ASP F 14 5.89 -22.65 -18.63
C ASP F 14 6.28 -21.28 -18.08
N ILE F 15 6.17 -21.12 -16.75
CA ILE F 15 6.48 -19.86 -16.10
C ILE F 15 7.43 -20.00 -14.91
N ILE F 16 8.38 -19.08 -14.79
CA ILE F 16 9.31 -19.09 -13.68
C ILE F 16 9.27 -17.68 -13.06
N VAL F 17 9.27 -17.61 -11.74
CA VAL F 17 9.26 -16.32 -11.06
C VAL F 17 10.66 -16.07 -10.52
N ILE F 18 11.23 -14.92 -10.88
CA ILE F 18 12.57 -14.56 -10.43
C ILE F 18 12.51 -13.37 -9.49
N PRO F 19 12.63 -13.63 -8.16
CA PRO F 19 12.60 -12.60 -7.13
C PRO F 19 13.78 -11.61 -7.26
N SER F 20 13.58 -10.37 -6.81
CA SER F 20 14.67 -9.40 -6.88
C SER F 20 15.81 -9.81 -5.94
N SER F 21 17.03 -9.45 -6.33
CA SER F 21 18.25 -9.77 -5.58
C SER F 21 18.66 -11.22 -5.65
N PHE F 22 17.85 -12.05 -6.29
CA PHE F 22 18.17 -13.47 -6.43
C PHE F 22 18.96 -13.66 -7.72
N PRO F 23 20.21 -14.14 -7.62
CA PRO F 23 21.03 -14.36 -8.82
C PRO F 23 20.37 -15.38 -9.73
N VAL F 24 20.29 -15.09 -11.02
CA VAL F 24 19.70 -16.02 -11.96
C VAL F 24 20.48 -16.09 -13.27
N ALA F 25 20.43 -17.25 -13.90
CA ALA F 25 21.11 -17.48 -15.17
C ALA F 25 20.31 -18.53 -15.95
N LEU F 26 20.30 -18.40 -17.28
CA LEU F 26 19.60 -19.38 -18.09
C LEU F 26 20.24 -19.61 -19.45
N LYS F 27 20.23 -20.87 -19.86
CA LYS F 27 20.80 -21.28 -21.13
C LYS F 27 19.70 -21.68 -22.11
N ALA F 28 19.84 -21.24 -23.36
CA ALA F 28 18.89 -21.57 -24.41
C ALA F 28 19.15 -22.99 -24.91
N ALA F 29 18.28 -23.93 -24.55
CA ALA F 29 18.44 -25.33 -24.96
C ALA F 29 18.05 -25.50 -26.43
N SER F 30 17.41 -24.48 -26.99
CA SER F 30 16.97 -24.46 -28.38
C SER F 30 16.80 -22.98 -28.67
N ASP F 31 16.37 -22.61 -29.87
CA ASP F 31 16.18 -21.19 -30.13
C ASP F 31 15.10 -20.73 -29.18
N LEU F 32 15.44 -19.75 -28.34
CA LEU F 32 14.54 -19.27 -27.32
C LEU F 32 13.98 -17.86 -27.43
N ASN F 33 12.73 -17.71 -27.01
CA ASN F 33 12.06 -16.43 -26.96
C ASN F 33 11.25 -16.44 -25.69
N MET F 34 11.49 -15.46 -24.82
CA MET F 34 10.75 -15.35 -23.57
C MET F 34 10.26 -13.93 -23.36
N VAL F 35 9.12 -13.83 -22.69
CA VAL F 35 8.59 -12.52 -22.37
C VAL F 35 8.61 -12.44 -20.85
N GLY F 36 8.97 -11.27 -20.34
CA GLY F 36 9.02 -11.09 -18.90
C GLY F 36 8.20 -9.90 -18.45
N ILE F 37 7.58 -10.04 -17.28
CA ILE F 37 6.79 -8.97 -16.71
C ILE F 37 7.37 -8.75 -15.32
N GLY F 38 7.93 -7.57 -15.10
CA GLY F 38 8.52 -7.29 -13.80
C GLY F 38 7.67 -6.35 -12.98
N VAL F 39 7.43 -6.71 -11.72
CA VAL F 39 6.64 -5.88 -10.83
C VAL F 39 7.59 -5.15 -9.91
N ASN F 40 7.15 -4.02 -9.37
CA ASN F 40 7.97 -3.18 -8.51
C ASN F 40 9.16 -2.67 -9.35
N ALA F 41 8.90 -2.48 -10.63
CA ALA F 41 9.86 -2.07 -11.63
C ALA F 41 10.56 -0.74 -11.51
N GLU F 42 9.91 0.26 -10.98
CA GLU F 42 10.55 1.58 -10.92
C GLU F 42 11.97 1.55 -10.36
N ASN F 43 12.93 2.05 -11.12
CA ASN F 43 14.31 2.11 -10.63
C ASN F 43 15.08 0.78 -10.63
N ASN F 44 14.53 -0.23 -11.29
CA ASN F 44 15.21 -1.50 -11.31
C ASN F 44 16.53 -1.35 -12.05
N GLU F 45 17.55 -2.01 -11.55
CA GLU F 45 18.85 -1.97 -12.18
C GLU F 45 19.37 -3.42 -12.18
N ARG F 46 19.90 -3.87 -13.31
CA ARG F 46 20.41 -5.22 -13.41
C ARG F 46 21.93 -5.26 -13.14
N ASN F 47 22.36 -6.13 -12.23
CA ASN F 47 23.77 -6.23 -11.90
C ASN F 47 24.30 -7.56 -12.39
N PHE F 48 25.35 -7.54 -13.20
CA PHE F 48 25.91 -8.81 -13.67
C PHE F 48 27.08 -9.29 -12.84
N LEU F 49 27.21 -10.61 -12.74
CA LEU F 49 28.26 -11.24 -11.96
C LEU F 49 29.38 -11.83 -12.78
N ALA F 50 29.16 -11.95 -14.09
CA ALA F 50 30.16 -12.49 -14.99
C ALA F 50 30.13 -11.65 -16.24
N GLY F 51 31.09 -11.83 -17.13
CA GLY F 51 31.07 -11.05 -18.35
C GLY F 51 31.91 -9.81 -18.22
N HIS F 52 32.05 -9.07 -19.30
CA HIS F 52 32.88 -7.88 -19.29
C HIS F 52 32.22 -6.57 -18.85
N LYS F 53 31.05 -6.27 -19.39
CA LYS F 53 30.37 -5.02 -19.04
C LYS F 53 29.39 -5.19 -17.89
N GLU F 54 29.30 -4.17 -17.05
CA GLU F 54 28.37 -4.16 -15.93
C GLU F 54 28.54 -5.32 -14.95
N ASN F 55 29.80 -5.71 -14.75
CA ASN F 55 30.15 -6.79 -13.84
C ASN F 55 30.58 -6.16 -12.51
N VAL F 56 29.68 -6.15 -11.54
CA VAL F 56 29.95 -5.55 -10.24
C VAL F 56 31.17 -6.11 -9.51
N ILE F 57 31.48 -7.39 -9.72
CA ILE F 57 32.63 -7.97 -9.04
C ILE F 57 33.91 -7.32 -9.55
N ARG F 58 33.92 -6.92 -10.82
CA ARG F 58 35.07 -6.28 -11.42
C ARG F 58 35.32 -4.88 -10.88
N GLN F 59 34.38 -4.34 -10.12
CA GLN F 59 34.54 -3.01 -9.58
C GLN F 59 35.13 -3.00 -8.18
N ILE F 60 35.30 -4.18 -7.60
CA ILE F 60 35.87 -4.27 -6.27
C ILE F 60 37.39 -4.11 -6.37
N PRO F 61 37.95 -3.14 -5.64
CA PRO F 61 39.40 -2.88 -5.65
C PRO F 61 40.20 -4.12 -5.28
N ARG F 62 41.37 -4.26 -5.90
CA ARG F 62 42.22 -5.41 -5.66
C ARG F 62 42.49 -5.71 -4.19
N GLN F 63 42.76 -4.68 -3.38
CA GLN F 63 43.03 -4.88 -1.95
C GLN F 63 41.90 -5.63 -1.26
N VAL F 64 40.67 -5.24 -1.56
CA VAL F 64 39.51 -5.88 -0.94
C VAL F 64 39.08 -7.19 -1.62
N SER F 65 39.32 -7.31 -2.93
CA SER F 65 38.98 -8.55 -3.64
C SER F 65 39.79 -9.65 -2.98
N ASP F 66 41.08 -9.36 -2.80
CA ASP F 66 42.05 -10.26 -2.19
C ASP F 66 41.58 -10.79 -0.84
N LEU F 67 40.91 -9.94 -0.08
CA LEU F 67 40.42 -10.33 1.24
C LEU F 67 39.08 -11.06 1.18
N THR F 68 38.27 -10.75 0.17
CA THR F 68 36.96 -11.38 0.07
C THR F 68 36.99 -12.71 -0.68
N PHE F 69 38.05 -12.94 -1.43
CA PHE F 69 38.18 -14.20 -2.19
C PHE F 69 39.42 -15.03 -1.81
N PRO F 70 39.29 -16.37 -1.88
CA PRO F 70 40.39 -17.28 -1.56
C PRO F 70 41.64 -17.01 -2.38
N GLY F 71 41.46 -16.60 -3.63
CA GLY F 71 42.59 -16.28 -4.49
C GLY F 71 43.16 -14.94 -4.12
N SER F 72 44.10 -14.44 -4.91
CA SER F 72 44.72 -13.14 -4.66
C SER F 72 44.11 -12.10 -5.58
N GLY F 73 44.26 -10.84 -5.21
CA GLY F 73 43.71 -9.74 -6.00
C GLY F 73 44.02 -9.81 -7.49
N GLU F 74 45.27 -10.08 -7.83
CA GLU F 74 45.67 -10.19 -9.23
C GLU F 74 45.00 -11.40 -9.87
N GLU F 75 45.09 -12.54 -9.22
CA GLU F 75 44.47 -13.75 -9.74
C GLU F 75 42.99 -13.54 -10.00
N VAL F 76 42.29 -13.00 -9.01
CA VAL F 76 40.87 -12.73 -9.15
C VAL F 76 40.64 -11.82 -10.35
N GLU F 77 41.45 -10.77 -10.44
CA GLU F 77 41.32 -9.83 -11.54
C GLU F 77 41.44 -10.48 -12.91
N GLU F 78 42.42 -11.35 -13.08
CA GLU F 78 42.61 -12.01 -14.37
C GLU F 78 41.41 -12.88 -14.70
N LEU F 79 41.04 -13.74 -13.76
CA LEU F 79 39.90 -14.63 -13.93
C LEU F 79 38.69 -13.88 -14.50
N LEU F 80 38.43 -12.68 -13.99
CA LEU F 80 37.30 -11.88 -14.44
C LEU F 80 37.54 -11.28 -15.82
N GLU F 81 38.75 -11.45 -16.34
CA GLU F 81 39.12 -10.91 -17.64
C GLU F 81 39.05 -11.90 -18.79
N ASN F 82 38.98 -13.18 -18.49
CA ASN F 82 38.93 -14.18 -19.56
C ASN F 82 37.69 -14.00 -20.45
N GLN F 83 36.52 -13.98 -19.84
CA GLN F 83 35.29 -13.80 -20.59
C GLN F 83 35.31 -12.44 -21.29
N LYS F 84 35.38 -12.44 -22.61
CA LYS F 84 35.43 -11.19 -23.37
C LYS F 84 34.04 -10.69 -23.73
N GLU F 85 33.07 -11.60 -23.76
CA GLU F 85 31.70 -11.22 -24.08
C GLU F 85 30.99 -10.57 -22.90
N SER F 86 29.76 -10.11 -23.15
CA SER F 86 28.94 -9.47 -22.12
C SER F 86 27.49 -9.95 -22.22
N TYR F 87 26.83 -10.08 -21.07
CA TYR F 87 25.43 -10.48 -20.99
C TYR F 87 25.14 -11.90 -21.45
N PHE F 88 25.26 -12.13 -22.75
CA PHE F 88 25.01 -13.44 -23.35
C PHE F 88 26.34 -14.02 -23.84
N VAL F 89 26.56 -15.31 -23.61
CA VAL F 89 27.80 -15.94 -24.06
C VAL F 89 27.53 -17.32 -24.61
N ASP F 90 28.57 -17.95 -25.14
CA ASP F 90 28.46 -19.28 -25.67
C ASP F 90 28.43 -20.26 -24.51
N GLY F 91 27.29 -20.92 -24.33
CA GLY F 91 27.14 -21.86 -23.24
C GLY F 91 27.58 -23.27 -23.54
N GLN F 92 28.50 -23.44 -24.48
CA GLN F 92 28.98 -24.78 -24.83
C GLN F 92 29.92 -25.29 -23.75
N PRO F 93 29.73 -26.55 -23.35
CA PRO F 93 30.55 -27.19 -22.31
C PRO F 93 32.01 -27.42 -22.76
N ASN G 1 -28.10 -15.14 2.74
CA ASN G 1 -27.14 -14.24 3.48
C ASN G 1 -26.55 -13.18 2.55
N ASN G 2 -26.58 -11.93 3.02
CA ASN G 2 -26.05 -10.78 2.26
C ASN G 2 -24.92 -10.15 3.08
N PRO G 3 -23.67 -10.44 2.70
CA PRO G 3 -22.49 -9.89 3.40
C PRO G 3 -22.24 -8.40 3.19
N TYR G 4 -22.89 -7.82 2.19
CA TYR G 4 -22.73 -6.39 1.86
C TYR G 4 -23.70 -5.48 2.59
N LEU G 5 -24.59 -6.06 3.38
CA LEU G 5 -25.59 -5.32 4.13
C LEU G 5 -25.22 -5.11 5.60
N PHE G 6 -25.41 -3.88 6.08
CA PHE G 6 -25.12 -3.55 7.46
C PHE G 6 -26.27 -2.74 8.03
N ARG G 7 -27.13 -3.41 8.81
CA ARG G 7 -28.28 -2.77 9.44
C ARG G 7 -27.82 -1.92 10.62
N SER G 8 -28.73 -1.08 11.10
CA SER G 8 -28.45 -0.22 12.24
C SER G 8 -28.01 -1.00 13.46
N ASN G 9 -28.55 -2.20 13.63
CA ASN G 9 -28.20 -3.01 14.80
C ASN G 9 -26.72 -3.37 14.84
N LYS G 10 -26.06 -3.40 13.69
CA LYS G 10 -24.64 -3.74 13.64
C LYS G 10 -23.73 -2.59 14.06
N PHE G 11 -24.32 -1.58 14.67
CA PHE G 11 -23.57 -0.43 15.18
C PHE G 11 -23.34 -0.60 16.67
N LEU G 12 -22.08 -0.71 17.09
CA LEU G 12 -21.76 -0.85 18.49
C LEU G 12 -21.91 0.55 19.04
N THR G 13 -22.58 0.72 20.17
CA THR G 13 -22.74 2.04 20.75
C THR G 13 -21.58 2.34 21.69
N LEU G 14 -20.74 3.31 21.30
CA LEU G 14 -19.55 3.70 22.07
C LEU G 14 -19.87 4.52 23.30
N PHE G 15 -20.93 5.31 23.24
CA PHE G 15 -21.33 6.15 24.36
C PHE G 15 -22.72 6.72 24.16
N LYS G 16 -23.64 6.37 25.04
CA LYS G 16 -25.01 6.88 24.99
C LYS G 16 -25.14 7.78 26.19
N ASN G 17 -26.01 8.78 26.08
CA ASN G 17 -26.18 9.77 27.12
C ASN G 17 -27.56 10.36 26.83
N GLN G 18 -28.17 11.04 27.78
CA GLN G 18 -29.49 11.59 27.50
C GLN G 18 -29.41 12.84 26.63
N HIS G 19 -28.19 13.21 26.21
CA HIS G 19 -27.96 14.37 25.35
C HIS G 19 -27.52 13.98 23.95
N GLY G 20 -27.07 12.75 23.80
CA GLY G 20 -26.63 12.29 22.49
C GLY G 20 -25.95 10.95 22.54
N SER G 21 -25.47 10.49 21.40
CA SER G 21 -24.79 9.22 21.31
C SER G 21 -23.74 9.21 20.20
N LEU G 22 -22.78 8.30 20.35
CA LEU G 22 -21.72 8.10 19.39
C LEU G 22 -21.67 6.60 19.13
N ARG G 23 -21.85 6.19 17.88
CA ARG G 23 -21.85 4.77 17.56
C ARG G 23 -20.79 4.41 16.52
N LEU G 24 -20.29 3.18 16.62
CA LEU G 24 -19.27 2.70 15.71
C LEU G 24 -19.68 1.41 15.01
N LEU G 25 -19.64 1.42 13.69
CA LEU G 25 -20.01 0.26 12.89
C LEU G 25 -18.91 -0.80 12.95
N GLN G 26 -19.33 -2.07 12.94
CA GLN G 26 -18.38 -3.16 13.00
C GLN G 26 -17.48 -3.11 11.76
N ARG G 27 -16.28 -3.65 11.89
CA ARG G 27 -15.34 -3.67 10.77
C ARG G 27 -16.07 -4.28 9.59
N PHE G 28 -15.80 -3.77 8.39
CA PHE G 28 -16.43 -4.27 7.19
C PHE G 28 -16.03 -5.72 6.87
N ASN G 29 -14.83 -6.12 7.28
CA ASN G 29 -14.34 -7.47 7.02
C ASN G 29 -14.45 -8.35 8.27
N GLU G 30 -15.35 -7.99 9.17
CA GLU G 30 -15.57 -8.73 10.40
C GLU G 30 -16.16 -10.11 10.08
N ASP G 31 -17.30 -10.13 9.39
CA ASP G 31 -17.98 -11.38 9.04
C ASP G 31 -17.73 -11.89 7.62
N THR G 32 -16.92 -11.19 6.84
CA THR G 32 -16.68 -11.64 5.48
C THR G 32 -15.31 -11.27 4.92
N GLU G 33 -14.75 -12.18 4.13
CA GLU G 33 -13.45 -11.98 3.52
C GLU G 33 -13.67 -11.28 2.17
N LYS G 34 -14.91 -10.96 1.87
CA LYS G 34 -15.27 -10.31 0.61
C LYS G 34 -15.05 -8.79 0.61
N LEU G 35 -14.74 -8.22 1.77
CA LEU G 35 -14.52 -6.80 1.86
C LEU G 35 -13.16 -6.45 2.44
N GLU G 36 -12.12 -7.20 2.06
CA GLU G 36 -10.77 -6.94 2.56
C GLU G 36 -10.29 -5.55 2.16
N ASN G 37 -10.79 -5.06 1.04
CA ASN G 37 -10.39 -3.76 0.54
C ASN G 37 -10.95 -2.59 1.33
N LEU G 38 -11.81 -2.88 2.31
CA LEU G 38 -12.39 -1.83 3.14
C LEU G 38 -11.93 -1.95 4.59
N ARG G 39 -10.93 -2.80 4.83
CA ARG G 39 -10.41 -3.04 6.18
C ARG G 39 -9.83 -1.82 6.90
N ASP G 40 -9.34 -0.83 6.16
CA ASP G 40 -8.77 0.35 6.78
C ASP G 40 -9.80 1.42 7.17
N TYR G 41 -11.07 1.19 6.85
CA TYR G 41 -12.12 2.16 7.13
C TYR G 41 -13.16 1.74 8.16
N ARG G 42 -13.54 2.69 9.02
CA ARG G 42 -14.56 2.48 10.03
C ARG G 42 -15.54 3.63 9.88
N VAL G 43 -16.82 3.35 10.10
CA VAL G 43 -17.87 4.34 10.01
C VAL G 43 -18.46 4.63 11.39
N LEU G 44 -18.56 5.91 11.73
CA LEU G 44 -19.12 6.28 13.02
C LEU G 44 -20.27 7.22 12.78
N GLU G 45 -21.18 7.26 13.73
CA GLU G 45 -22.33 8.13 13.64
C GLU G 45 -22.44 8.87 14.97
N TYR G 46 -22.75 10.16 14.89
CA TYR G 46 -22.86 11.00 16.07
C TYR G 46 -24.18 11.78 16.04
N CYS G 47 -24.92 11.69 17.14
CA CYS G 47 -26.20 12.39 17.26
C CYS G 47 -26.25 13.13 18.60
N SER G 48 -26.66 14.39 18.57
CA SER G 48 -26.75 15.17 19.80
C SER G 48 -27.96 16.11 19.79
N LYS G 49 -28.47 16.40 20.98
CA LYS G 49 -29.62 17.28 21.12
C LYS G 49 -29.22 18.75 21.13
N PRO G 50 -30.20 19.67 21.12
CA PRO G 50 -29.91 21.11 21.12
C PRO G 50 -29.01 21.58 22.26
N ASN G 51 -28.16 22.57 21.94
CA ASN G 51 -27.22 23.16 22.89
C ASN G 51 -26.39 22.11 23.62
N THR G 52 -25.64 21.33 22.85
CA THR G 52 -24.77 20.29 23.42
C THR G 52 -23.36 20.42 22.89
N LEU G 53 -22.42 19.92 23.68
CA LEU G 53 -21.02 19.98 23.34
C LEU G 53 -20.33 18.64 23.52
N LEU G 54 -19.55 18.23 22.51
CA LEU G 54 -18.78 17.01 22.59
C LEU G 54 -17.43 17.52 23.06
N LEU G 55 -16.98 17.07 24.22
CA LEU G 55 -15.70 17.55 24.75
C LEU G 55 -14.49 17.36 23.83
N PRO G 56 -13.54 18.29 23.90
CA PRO G 56 -12.34 18.20 23.06
C PRO G 56 -11.58 16.89 23.20
N HIS G 57 -11.14 16.38 22.06
CA HIS G 57 -10.39 15.13 22.02
C HIS G 57 -9.74 15.04 20.66
N HIS G 58 -8.71 14.23 20.54
CA HIS G 58 -8.08 14.08 19.24
C HIS G 58 -8.22 12.61 18.86
N SER G 59 -8.30 12.33 17.57
CA SER G 59 -8.41 10.95 17.12
C SER G 59 -7.06 10.50 16.56
N ASP G 60 -6.82 9.20 16.54
CA ASP G 60 -5.57 8.71 16.00
C ASP G 60 -5.72 8.44 14.50
N SER G 61 -6.90 8.73 13.97
CA SER G 61 -7.16 8.50 12.55
C SER G 61 -7.62 9.76 11.84
N ASP G 62 -7.63 9.72 10.51
CA ASP G 62 -8.11 10.84 9.72
C ASP G 62 -9.63 10.74 9.64
N LEU G 63 -10.31 11.84 9.88
CA LEU G 63 -11.77 11.82 9.84
C LEU G 63 -12.34 12.68 8.72
N LEU G 64 -13.36 12.16 8.07
CA LEU G 64 -14.05 12.89 7.03
C LEU G 64 -15.42 13.07 7.70
N VAL G 65 -15.67 14.28 8.20
CA VAL G 65 -16.90 14.62 8.88
C VAL G 65 -17.97 15.16 7.97
N LEU G 66 -19.15 14.56 8.04
CA LEU G 66 -20.26 14.94 7.18
C LEU G 66 -21.57 15.17 7.92
N VAL G 67 -22.07 16.40 7.87
CA VAL G 67 -23.31 16.79 8.55
C VAL G 67 -24.56 16.29 7.82
N LEU G 68 -25.21 15.28 8.37
CA LEU G 68 -26.41 14.69 7.76
C LEU G 68 -27.69 15.47 8.00
N GLU G 69 -27.81 15.97 9.21
CA GLU G 69 -28.99 16.73 9.59
C GLU G 69 -28.62 17.71 10.69
N GLY G 70 -29.16 18.91 10.61
CA GLY G 70 -28.90 19.91 11.62
C GLY G 70 -27.83 20.91 11.23
N GLN G 71 -27.33 21.60 12.23
CA GLN G 71 -26.30 22.62 12.03
C GLN G 71 -25.26 22.35 13.11
N ALA G 72 -24.01 22.70 12.84
CA ALA G 72 -22.96 22.45 13.82
C ALA G 72 -21.82 23.43 13.79
N ILE G 73 -21.15 23.57 14.94
CA ILE G 73 -19.99 24.44 15.10
C ILE G 73 -18.83 23.48 15.34
N LEU G 74 -17.78 23.61 14.55
CA LEU G 74 -16.62 22.74 14.67
C LEU G 74 -15.39 23.58 14.95
N VAL G 75 -14.72 23.28 16.05
CA VAL G 75 -13.52 24.01 16.42
C VAL G 75 -12.29 23.09 16.36
N LEU G 76 -11.34 23.42 15.49
CA LEU G 76 -10.12 22.62 15.37
C LEU G 76 -8.98 23.33 16.08
N VAL G 77 -8.46 22.72 17.13
CA VAL G 77 -7.38 23.28 17.93
C VAL G 77 -6.00 22.93 17.42
N ASN G 78 -5.20 23.96 17.17
CA ASN G 78 -3.82 23.82 16.68
C ASN G 78 -2.96 24.24 17.84
N PRO G 79 -1.67 23.88 17.84
CA PRO G 79 -0.80 24.27 18.95
C PRO G 79 -0.52 25.76 18.90
N ASP G 80 -0.87 26.34 17.76
CA ASP G 80 -0.66 27.73 17.45
C ASP G 80 -1.82 28.65 17.79
N GLY G 81 -3.03 28.13 17.63
CA GLY G 81 -4.24 28.88 17.89
C GLY G 81 -5.38 27.94 17.57
N ARG G 82 -6.43 28.42 16.92
CA ARG G 82 -7.55 27.54 16.56
C ARG G 82 -8.40 28.09 15.44
N ASP G 83 -9.18 27.20 14.85
CA ASP G 83 -10.06 27.54 13.74
C ASP G 83 -11.48 27.09 14.05
N THR G 84 -12.43 27.96 13.75
CA THR G 84 -13.84 27.68 13.99
C THR G 84 -14.56 27.59 12.67
N TYR G 85 -15.45 26.61 12.54
CA TYR G 85 -16.21 26.40 11.32
C TYR G 85 -17.69 26.23 11.62
N LYS G 86 -18.54 26.81 10.77
CA LYS G 86 -19.97 26.66 10.95
C LYS G 86 -20.36 25.68 9.88
N LEU G 87 -20.85 24.50 10.26
CA LEU G 87 -21.24 23.49 9.28
C LEU G 87 -22.76 23.44 9.13
N ASP G 88 -23.21 23.32 7.89
CA ASP G 88 -24.64 23.22 7.58
C ASP G 88 -24.95 21.84 7.04
N GLN G 89 -26.22 21.43 7.11
CA GLN G 89 -26.62 20.12 6.61
C GLN G 89 -26.03 19.98 5.21
N GLY G 90 -25.20 18.96 5.00
CA GLY G 90 -24.61 18.74 3.69
C GLY G 90 -23.15 19.09 3.57
N ASP G 91 -22.63 19.84 4.54
CA ASP G 91 -21.24 20.24 4.54
C ASP G 91 -20.36 19.05 4.94
N ALA G 92 -19.12 19.06 4.49
CA ALA G 92 -18.19 18.00 4.81
C ALA G 92 -16.84 18.67 5.01
N ILE G 93 -15.99 18.07 5.83
CA ILE G 93 -14.68 18.61 6.07
C ILE G 93 -13.79 17.49 6.57
N LYS G 94 -12.50 17.62 6.31
CA LYS G 94 -11.55 16.61 6.77
C LYS G 94 -10.86 17.10 8.03
N ILE G 95 -10.73 16.22 9.01
CA ILE G 95 -10.06 16.55 10.24
C ILE G 95 -8.88 15.60 10.29
N GLN G 96 -7.68 16.14 10.26
CA GLN G 96 -6.48 15.33 10.31
C GLN G 96 -6.19 14.68 11.66
N ALA G 97 -5.67 13.46 11.63
CA ALA G 97 -5.35 12.74 12.84
C ALA G 97 -4.49 13.59 13.77
N GLY G 98 -4.72 13.46 15.08
CA GLY G 98 -3.94 14.23 16.04
C GLY G 98 -4.46 15.62 16.37
N THR G 99 -5.41 16.11 15.58
CA THR G 99 -5.94 17.44 15.81
C THR G 99 -7.05 17.39 16.86
N PRO G 100 -6.83 18.01 18.01
CA PRO G 100 -7.88 18.00 19.04
C PRO G 100 -9.02 18.85 18.51
N PHE G 101 -10.25 18.46 18.79
CA PHE G 101 -11.37 19.25 18.28
C PHE G 101 -12.63 18.97 19.09
N TYR G 102 -13.53 19.94 19.11
CA TYR G 102 -14.81 19.78 19.81
C TYR G 102 -15.96 20.19 18.89
N LEU G 103 -17.14 19.62 19.15
CA LEU G 103 -18.30 19.86 18.33
C LEU G 103 -19.46 20.46 19.12
N ILE G 104 -20.16 21.41 18.52
CA ILE G 104 -21.29 22.06 19.19
C ILE G 104 -22.56 22.10 18.35
N ASN G 105 -23.70 21.83 18.99
CA ASN G 105 -25.00 21.90 18.33
C ASN G 105 -25.55 23.21 18.87
N PRO G 106 -25.45 24.30 18.09
CA PRO G 106 -25.94 25.60 18.53
C PRO G 106 -27.44 25.77 18.45
N ASP G 107 -28.10 25.01 17.58
CA ASP G 107 -29.55 25.13 17.43
C ASP G 107 -30.24 24.86 18.75
N ASN G 108 -31.45 25.39 18.88
CA ASN G 108 -32.20 25.22 20.11
C ASN G 108 -33.36 24.23 19.96
N ASN G 109 -33.72 23.89 18.73
CA ASN G 109 -34.82 22.95 18.50
C ASN G 109 -34.46 21.71 17.68
N GLN G 110 -33.54 21.88 16.72
CA GLN G 110 -33.15 20.78 15.84
C GLN G 110 -31.95 19.97 16.33
N ASN G 111 -32.01 18.65 16.14
CA ASN G 111 -30.93 17.77 16.55
C ASN G 111 -29.77 17.83 15.55
N LEU G 112 -28.66 17.20 15.91
CA LEU G 112 -27.52 17.17 15.03
C LEU G 112 -27.13 15.73 14.78
N ARG G 113 -27.05 15.37 13.49
CA ARG G 113 -26.66 14.02 13.10
C ARG G 113 -25.45 14.17 12.19
N ILE G 114 -24.37 13.48 12.54
CA ILE G 114 -23.15 13.55 11.75
C ILE G 114 -22.57 12.19 11.42
N LEU G 115 -22.13 12.01 10.18
CA LEU G 115 -21.54 10.75 9.77
C LEU G 115 -20.03 10.95 9.75
N LYS G 116 -19.30 10.08 10.45
CA LYS G 116 -17.84 10.19 10.49
C LYS G 116 -17.19 9.03 9.74
N PHE G 117 -16.48 9.31 8.67
CA PHE G 117 -15.79 8.25 7.94
C PHE G 117 -14.33 8.32 8.42
N ALA G 118 -13.84 7.27 9.06
CA ALA G 118 -12.49 7.25 9.57
C ALA G 118 -11.53 6.51 8.65
N ILE G 119 -10.35 7.10 8.43
CA ILE G 119 -9.34 6.46 7.60
C ILE G 119 -8.17 6.19 8.53
N THR G 120 -8.03 4.92 8.92
CA THR G 120 -6.99 4.49 9.86
C THR G 120 -5.67 4.19 9.19
N PHE G 121 -4.61 4.30 9.98
CA PHE G 121 -3.27 4.03 9.48
C PHE G 121 -2.33 3.54 10.58
N ARG G 122 -2.53 3.99 11.82
CA ARG G 122 -1.68 3.55 12.91
C ARG G 122 -1.94 2.07 13.18
N ARG G 123 -3.20 1.74 13.44
CA ARG G 123 -3.56 0.35 13.65
C ARG G 123 -4.79 0.07 12.78
N PRO G 124 -4.57 -0.47 11.57
CA PRO G 124 -5.60 -0.78 10.58
C PRO G 124 -6.90 -1.31 11.12
N GLY G 125 -7.98 -0.58 10.81
CA GLY G 125 -9.30 -0.94 11.25
C GLY G 125 -9.61 -0.45 12.64
N THR G 126 -8.59 0.03 13.33
CA THR G 126 -8.82 0.49 14.67
C THR G 126 -8.73 2.00 14.74
N VAL G 127 -9.74 2.60 15.37
CA VAL G 127 -9.75 4.04 15.56
C VAL G 127 -9.86 4.27 17.07
N GLU G 128 -8.99 5.13 17.58
CA GLU G 128 -8.95 5.46 18.99
C GLU G 128 -9.19 6.94 19.19
N ASP G 129 -9.82 7.28 20.30
CA ASP G 129 -10.11 8.66 20.65
C ASP G 129 -9.47 8.98 21.99
N PHE G 130 -8.87 10.16 22.11
CA PHE G 130 -8.24 10.57 23.36
C PHE G 130 -8.95 11.78 23.91
N PHE G 131 -9.68 11.60 25.01
CA PHE G 131 -10.40 12.69 25.63
C PHE G 131 -9.62 13.31 26.77
N LEU G 132 -9.56 14.64 26.75
CA LEU G 132 -8.83 15.39 27.74
C LEU G 132 -9.54 15.37 29.10
N SER G 133 -10.86 15.19 29.08
CA SER G 133 -11.66 15.19 30.30
C SER G 133 -11.78 13.86 31.02
N SER G 134 -11.87 13.93 32.34
CA SER G 134 -12.05 12.73 33.15
C SER G 134 -13.56 12.55 33.28
N THR G 135 -14.01 11.33 33.09
CA THR G 135 -15.43 11.00 33.18
C THR G 135 -15.52 9.64 33.85
N LYS G 136 -16.72 9.08 33.96
CA LYS G 136 -16.85 7.76 34.56
C LYS G 136 -16.28 6.71 33.61
N ARG G 137 -16.75 6.77 32.37
CA ARG G 137 -16.32 5.86 31.33
C ARG G 137 -14.82 5.67 31.31
N LEU G 138 -14.09 6.79 31.40
CA LEU G 138 -12.62 6.77 31.36
C LEU G 138 -12.00 8.06 31.91
N PRO G 139 -10.89 7.95 32.64
CA PRO G 139 -10.21 9.12 33.21
C PRO G 139 -9.35 9.82 32.16
N SER G 140 -9.03 11.08 32.42
CA SER G 140 -8.21 11.86 31.49
C SER G 140 -6.84 11.23 31.27
N TYR G 141 -6.45 11.06 30.01
CA TYR G 141 -5.18 10.44 29.72
C TYR G 141 -3.99 11.16 30.36
N LEU G 142 -4.18 12.40 30.78
CA LEU G 142 -3.11 13.15 31.43
C LEU G 142 -2.82 12.56 32.80
N SER G 143 -3.83 11.92 33.39
CA SER G 143 -3.70 11.32 34.71
C SER G 143 -2.82 10.09 34.74
N ALA G 144 -2.61 9.47 33.58
CA ALA G 144 -1.78 8.27 33.47
C ALA G 144 -0.30 8.52 33.76
N PHE G 145 0.12 9.78 33.72
CA PHE G 145 1.52 10.11 33.98
C PHE G 145 1.76 10.10 35.48
N SER G 146 2.99 9.81 35.89
CA SER G 146 3.33 9.78 37.31
C SER G 146 3.23 11.19 37.90
N LYS G 147 3.20 11.25 39.23
CA LYS G 147 3.10 12.51 39.93
C LYS G 147 4.31 13.39 39.63
N ASN G 148 5.50 12.79 39.61
CA ASN G 148 6.70 13.56 39.34
C ASN G 148 6.69 14.22 37.97
N PHE G 149 6.38 13.44 36.94
CA PHE G 149 6.31 13.97 35.58
C PHE G 149 5.31 15.12 35.47
N LEU G 150 4.15 14.95 36.11
CA LEU G 150 3.14 16.00 36.04
C LEU G 150 3.59 17.28 36.75
N GLU G 151 4.11 17.14 37.96
CA GLU G 151 4.57 18.31 38.71
C GLU G 151 5.67 19.08 38.00
N ALA G 152 6.64 18.38 37.41
CA ALA G 152 7.74 19.04 36.71
C ALA G 152 7.23 19.75 35.46
N SER G 153 6.38 19.04 34.72
CA SER G 153 5.80 19.54 33.50
C SER G 153 5.00 20.80 33.69
N TYR G 154 3.97 20.74 34.53
CA TYR G 154 3.14 21.90 34.75
C TYR G 154 3.73 22.88 35.74
N ASP G 155 4.75 22.41 36.46
CA ASP G 155 5.45 23.21 37.48
C ASP G 155 4.45 23.73 38.52
N SER G 156 3.78 22.79 39.16
CA SER G 156 2.78 23.09 40.17
C SER G 156 2.61 21.88 41.05
N PRO G 157 2.19 22.10 42.30
CA PRO G 157 1.98 20.97 43.23
C PRO G 157 0.92 20.05 42.64
N TYR G 158 1.12 18.75 42.79
CA TYR G 158 0.18 17.77 42.25
C TYR G 158 -1.29 17.92 42.62
N ASP G 159 -1.61 17.95 43.92
CA ASP G 159 -3.01 18.05 44.32
C ASP G 159 -3.72 19.27 43.72
N GLU G 160 -2.95 20.24 43.24
CA GLU G 160 -3.53 21.42 42.61
C GLU G 160 -3.81 21.13 41.14
N ILE G 161 -2.98 20.26 40.56
CA ILE G 161 -3.15 19.84 39.18
C ILE G 161 -4.36 18.92 39.16
N GLU G 162 -4.39 18.00 40.11
CA GLU G 162 -5.47 17.04 40.22
C GLU G 162 -6.83 17.72 40.29
N GLN G 163 -7.00 18.67 41.19
CA GLN G 163 -8.31 19.32 41.30
C GLN G 163 -8.65 20.33 40.23
N THR G 164 -7.66 20.76 39.47
CA THR G 164 -7.91 21.73 38.41
C THR G 164 -8.23 21.07 37.07
N LEU G 165 -7.63 19.91 36.78
CA LEU G 165 -7.91 19.26 35.51
C LEU G 165 -7.94 17.73 35.44
N LEU G 166 -7.59 17.04 36.52
CA LEU G 166 -7.60 15.58 36.50
C LEU G 166 -8.83 14.96 37.19
N GLN G 167 -9.42 15.69 38.12
CA GLN G 167 -10.56 15.23 38.88
C GLN G 167 -11.81 14.97 38.06
N GLU G 168 -12.38 13.77 38.23
CA GLU G 168 -13.58 13.39 37.49
C GLU G 168 -14.67 14.44 37.65
N GLU G 169 -14.88 15.22 36.60
CA GLU G 169 -15.89 16.28 36.60
C GLU G 169 -17.20 15.86 35.93
N GLN G 170 -17.25 15.97 34.60
CA GLN G 170 -18.45 15.64 33.84
C GLN G 170 -18.90 14.19 34.00
N GLU G 171 -20.15 13.95 33.65
CA GLU G 171 -20.74 12.61 33.71
C GLU G 171 -20.23 11.85 32.48
N GLY G 172 -20.44 12.42 31.30
CA GLY G 172 -19.99 11.81 30.07
C GLY G 172 -19.23 12.77 29.18
N VAL G 173 -18.93 12.36 27.96
CA VAL G 173 -18.18 13.19 27.02
C VAL G 173 -19.06 14.18 26.25
N ILE G 174 -20.37 14.00 26.33
CA ILE G 174 -21.31 14.89 25.67
C ILE G 174 -22.04 15.65 26.77
N VAL G 175 -21.82 16.96 26.84
CA VAL G 175 -22.46 17.78 27.87
C VAL G 175 -23.34 18.84 27.23
N LYS G 176 -23.99 19.65 28.06
CA LYS G 176 -24.85 20.69 27.52
C LYS G 176 -24.34 22.11 27.73
N MET G 177 -24.32 22.86 26.63
CA MET G 177 -23.89 24.24 26.62
C MET G 177 -24.83 25.07 27.50
N PRO G 178 -24.27 25.87 28.40
CA PRO G 178 -25.04 26.72 29.32
C PRO G 178 -25.86 27.80 28.57
N ASP H 1 -7.83 24.25 4.83
CA ASP H 1 -9.01 23.61 4.19
C ASP H 1 -10.33 23.98 4.87
N LYS H 2 -11.30 24.44 4.08
CA LYS H 2 -12.60 24.83 4.60
C LYS H 2 -13.67 23.81 4.27
N PRO H 3 -14.86 23.96 4.87
CA PRO H 3 -15.97 23.04 4.62
C PRO H 3 -16.51 23.20 3.21
N PHE H 4 -16.99 22.11 2.64
CA PHE H 4 -17.58 22.16 1.31
C PHE H 4 -18.91 21.42 1.33
N ASN H 5 -19.89 21.92 0.59
CA ASN H 5 -21.19 21.27 0.59
C ASN H 5 -21.32 20.25 -0.54
N LEU H 6 -22.12 19.21 -0.31
CA LEU H 6 -22.29 18.17 -1.31
C LEU H 6 -23.07 18.71 -2.51
N ARG H 7 -23.99 19.63 -2.25
CA ARG H 7 -24.80 20.21 -3.31
C ARG H 7 -24.30 21.55 -3.82
N SER H 8 -23.02 21.85 -3.54
CA SER H 8 -22.40 23.10 -3.95
C SER H 8 -22.26 23.23 -5.46
N ARG H 9 -22.19 22.10 -6.18
CA ARG H 9 -22.05 22.14 -7.64
C ARG H 9 -23.34 21.59 -8.28
N ASP H 10 -23.53 21.83 -9.56
CA ASP H 10 -24.73 21.32 -10.24
C ASP H 10 -24.70 19.79 -10.20
N PRO H 11 -25.87 19.16 -10.05
CA PRO H 11 -25.94 17.69 -10.02
C PRO H 11 -25.43 17.14 -11.35
N ILE H 12 -24.89 15.92 -11.35
CA ILE H 12 -24.40 15.37 -12.60
C ILE H 12 -25.52 14.67 -13.36
N TYR H 13 -26.59 14.33 -12.65
CA TYR H 13 -27.76 13.69 -13.25
C TYR H 13 -28.97 14.36 -12.65
N SER H 14 -29.85 14.90 -13.48
CA SER H 14 -31.05 15.57 -12.99
C SER H 14 -32.27 15.18 -13.84
N ASN H 15 -33.33 14.72 -13.17
CA ASN H 15 -34.56 14.27 -13.82
C ASN H 15 -35.77 14.76 -13.09
N ASN H 16 -36.90 14.16 -13.43
CA ASN H 16 -38.17 14.45 -12.79
C ASN H 16 -38.29 13.37 -11.75
N TYR H 17 -37.40 12.38 -11.85
CA TYR H 17 -37.41 11.26 -10.94
C TYR H 17 -36.34 11.35 -9.87
N GLY H 18 -35.18 11.91 -10.22
CA GLY H 18 -34.11 12.03 -9.25
C GLY H 18 -32.93 12.89 -9.64
N LYS H 19 -32.07 13.16 -8.66
CA LYS H 19 -30.88 13.98 -8.87
C LYS H 19 -29.72 13.28 -8.18
N LEU H 20 -28.52 13.48 -8.71
CA LEU H 20 -27.32 12.91 -8.11
C LEU H 20 -26.21 13.96 -8.08
N TYR H 21 -25.76 14.27 -6.87
CA TYR H 21 -24.68 15.24 -6.68
C TYR H 21 -23.41 14.43 -6.41
N GLU H 22 -22.30 14.80 -7.04
CA GLU H 22 -21.07 14.07 -6.83
C GLU H 22 -19.83 14.95 -6.85
N ILE H 23 -18.95 14.75 -5.87
CA ILE H 23 -17.70 15.48 -5.77
C ILE H 23 -16.62 14.41 -5.84
N THR H 24 -15.68 14.58 -6.75
CA THR H 24 -14.62 13.60 -6.93
C THR H 24 -13.28 14.17 -6.47
N PRO H 25 -12.30 13.29 -6.18
CA PRO H 25 -10.99 13.78 -5.75
C PRO H 25 -10.34 14.72 -6.76
N GLU H 26 -10.80 14.65 -8.00
CA GLU H 26 -10.27 15.50 -9.05
C GLU H 26 -10.67 16.96 -8.87
N LYS H 27 -11.84 17.19 -8.28
CA LYS H 27 -12.37 18.53 -8.08
C LYS H 27 -12.30 19.05 -6.64
N ASN H 28 -11.64 18.33 -5.76
CA ASN H 28 -11.57 18.76 -4.36
C ASN H 28 -10.29 18.25 -3.73
N SER H 29 -9.39 19.17 -3.40
CA SER H 29 -8.10 18.82 -2.79
C SER H 29 -8.20 17.93 -1.55
N GLN H 30 -9.08 18.26 -0.61
CA GLN H 30 -9.21 17.45 0.60
C GLN H 30 -9.50 15.99 0.26
N LEU H 31 -10.43 15.79 -0.66
CA LEU H 31 -10.81 14.44 -1.08
C LEU H 31 -9.74 13.72 -1.88
N ARG H 32 -8.90 14.43 -2.63
CA ARG H 32 -7.92 13.71 -3.41
C ARG H 32 -6.82 13.12 -2.53
N ASP H 33 -6.60 13.70 -1.37
CA ASP H 33 -5.58 13.17 -0.45
C ASP H 33 -6.04 11.82 0.05
N LEU H 34 -7.35 11.70 0.27
CA LEU H 34 -7.95 10.48 0.78
C LEU H 34 -8.38 9.53 -0.33
N ASP H 35 -8.41 10.01 -1.57
CA ASP H 35 -8.84 9.20 -2.71
C ASP H 35 -10.31 8.76 -2.54
N ILE H 36 -11.10 9.63 -1.93
CA ILE H 36 -12.51 9.38 -1.67
C ILE H 36 -13.39 10.22 -2.59
N LEU H 37 -14.60 9.75 -2.80
CA LEU H 37 -15.57 10.43 -3.62
C LEU H 37 -16.88 10.45 -2.81
N LEU H 38 -17.56 11.57 -2.81
CA LEU H 38 -18.82 11.71 -2.08
C LEU H 38 -19.97 12.03 -3.00
N ASN H 39 -21.16 11.58 -2.65
CA ASN H 39 -22.32 11.91 -3.44
C ASN H 39 -23.60 11.89 -2.62
N CYS H 40 -24.57 12.68 -3.07
CA CYS H 40 -25.87 12.78 -2.42
C CYS H 40 -26.89 12.32 -3.46
N LEU H 41 -27.76 11.41 -3.07
CA LEU H 41 -28.78 10.91 -3.99
C LEU H 41 -30.17 11.30 -3.51
N GLN H 42 -30.98 11.91 -4.40
CA GLN H 42 -32.34 12.33 -4.05
C GLN H 42 -33.32 11.81 -5.09
N MET H 43 -34.21 10.91 -4.66
CA MET H 43 -35.18 10.32 -5.57
C MET H 43 -36.62 10.46 -5.07
N ASN H 44 -37.53 10.61 -6.04
CA ASN H 44 -38.94 10.71 -5.71
C ASN H 44 -39.51 9.30 -5.63
N GLU H 45 -40.47 9.11 -4.73
CA GLU H 45 -41.09 7.81 -4.54
C GLU H 45 -41.50 7.21 -5.90
N GLY H 46 -41.11 5.97 -6.13
CA GLY H 46 -41.44 5.29 -7.38
C GLY H 46 -40.33 5.33 -8.42
N ALA H 47 -39.36 6.23 -8.24
CA ALA H 47 -38.26 6.39 -9.18
C ALA H 47 -37.27 5.23 -9.08
N LEU H 48 -36.73 4.83 -10.22
CA LEU H 48 -35.77 3.73 -10.30
C LEU H 48 -34.44 4.19 -10.88
N PHE H 49 -33.37 3.96 -10.13
CA PHE H 49 -32.00 4.29 -10.54
C PHE H 49 -31.55 3.06 -11.35
N VAL H 50 -31.60 3.16 -12.67
CA VAL H 50 -31.28 2.04 -13.56
C VAL H 50 -29.98 1.28 -13.31
N PRO H 51 -29.94 0.03 -13.76
CA PRO H 51 -28.75 -0.82 -13.60
C PRO H 51 -27.51 -0.19 -14.19
N HIS H 52 -26.46 -0.12 -13.38
CA HIS H 52 -25.19 0.47 -13.77
C HIS H 52 -24.10 -0.04 -12.84
N TYR H 53 -22.86 0.33 -13.12
CA TYR H 53 -21.78 -0.08 -12.25
C TYR H 53 -20.63 0.93 -12.30
N ASN H 54 -19.89 1.02 -11.20
CA ASN H 54 -18.73 1.92 -11.12
C ASN H 54 -17.52 1.09 -11.51
N SER H 55 -16.65 1.66 -12.33
CA SER H 55 -15.48 0.95 -12.80
C SER H 55 -14.44 0.68 -11.72
N ARG H 56 -14.15 1.69 -10.90
CA ARG H 56 -13.12 1.53 -9.89
C ARG H 56 -13.53 1.73 -8.45
N ALA H 57 -14.53 2.55 -8.21
CA ALA H 57 -14.94 2.87 -6.85
C ALA H 57 -15.87 1.88 -6.17
N THR H 58 -15.62 1.66 -4.88
CA THR H 58 -16.47 0.80 -4.07
C THR H 58 -17.25 1.82 -3.24
N VAL H 59 -18.56 1.86 -3.42
CA VAL H 59 -19.36 2.84 -2.70
C VAL H 59 -20.13 2.29 -1.51
N ILE H 60 -20.04 3.03 -0.40
CA ILE H 60 -20.73 2.69 0.81
C ILE H 60 -21.96 3.61 0.80
N LEU H 61 -23.13 3.03 0.58
CA LEU H 61 -24.37 3.81 0.52
C LEU H 61 -25.04 3.86 1.87
N VAL H 62 -25.47 5.04 2.26
CA VAL H 62 -26.15 5.22 3.53
C VAL H 62 -27.54 5.79 3.36
N ALA H 63 -28.51 5.12 3.98
CA ALA H 63 -29.89 5.56 3.91
C ALA H 63 -30.07 6.64 4.95
N ASN H 64 -30.29 7.87 4.50
CA ASN H 64 -30.47 8.99 5.40
C ASN H 64 -31.95 9.28 5.63
N GLU H 65 -32.73 9.24 4.54
CA GLU H 65 -34.17 9.49 4.58
C GLU H 65 -34.94 8.62 3.60
N GLY H 66 -35.93 7.89 4.10
CA GLY H 66 -36.73 7.08 3.22
C GLY H 66 -36.27 5.64 3.17
N ARG H 67 -36.97 4.85 2.36
CA ARG H 67 -36.66 3.44 2.20
C ARG H 67 -36.24 3.19 0.76
N ALA H 68 -35.34 2.24 0.58
CA ALA H 68 -34.86 1.93 -0.75
C ALA H 68 -34.80 0.44 -1.02
N GLU H 69 -35.22 0.06 -2.22
CA GLU H 69 -35.16 -1.33 -2.62
C GLU H 69 -33.96 -1.40 -3.54
N VAL H 70 -32.90 -2.05 -3.10
CA VAL H 70 -31.71 -2.16 -3.93
C VAL H 70 -31.48 -3.59 -4.37
N GLU H 71 -31.00 -3.73 -5.60
CA GLU H 71 -30.69 -5.01 -6.21
C GLU H 71 -29.25 -4.98 -6.70
N LEU H 72 -28.39 -5.75 -6.04
CA LEU H 72 -26.97 -5.81 -6.37
C LEU H 72 -26.65 -7.15 -7.02
N VAL H 73 -26.02 -7.13 -8.20
CA VAL H 73 -25.66 -8.38 -8.85
C VAL H 73 -24.19 -8.65 -8.67
N GLY H 74 -23.84 -9.85 -8.20
CA GLY H 74 -22.44 -10.17 -8.01
C GLY H 74 -22.05 -11.52 -8.58
N LEU H 75 -20.75 -11.77 -8.65
CA LEU H 75 -20.20 -13.03 -9.14
C LEU H 75 -19.24 -13.47 -8.05
N GLU H 76 -19.55 -14.58 -7.38
CA GLU H 76 -18.68 -15.06 -6.30
C GLU H 76 -18.03 -16.41 -6.66
N GLN I 2 -20.27 -18.61 -9.89
CA GLN I 2 -21.76 -18.59 -9.78
C GLN I 2 -22.33 -17.16 -9.69
N LEU I 3 -23.37 -16.91 -10.48
CA LEU I 3 -24.01 -15.61 -10.49
C LEU I 3 -24.93 -15.56 -9.29
N ARG I 4 -25.05 -14.39 -8.67
CA ARG I 4 -25.90 -14.24 -7.49
C ARG I 4 -26.50 -12.84 -7.33
N ARG I 5 -27.75 -12.79 -6.89
CA ARG I 5 -28.40 -11.50 -6.67
C ARG I 5 -28.55 -11.20 -5.19
N TYR I 6 -28.26 -9.96 -4.83
CA TYR I 6 -28.36 -9.49 -3.44
C TYR I 6 -29.41 -8.37 -3.41
N ALA I 7 -30.62 -8.72 -2.99
CA ALA I 7 -31.68 -7.73 -2.89
C ALA I 7 -31.95 -7.46 -1.40
N ALA I 8 -32.44 -6.26 -1.12
CA ALA I 8 -32.73 -5.89 0.25
C ALA I 8 -33.41 -4.54 0.28
N THR I 9 -34.27 -4.34 1.27
CA THR I 9 -34.94 -3.05 1.41
C THR I 9 -34.18 -2.37 2.54
N LEU I 10 -33.73 -1.14 2.30
CA LEU I 10 -33.00 -0.42 3.34
C LEU I 10 -33.87 0.60 4.02
N SER I 11 -33.73 0.69 5.34
CA SER I 11 -34.49 1.66 6.11
C SER I 11 -33.49 2.72 6.51
N GLU I 12 -33.95 3.79 7.13
CA GLU I 12 -33.05 4.86 7.53
C GLU I 12 -31.96 4.37 8.47
N GLY I 13 -30.73 4.73 8.16
CA GLY I 13 -29.61 4.32 8.99
C GLY I 13 -28.96 3.04 8.50
N ASP I 14 -29.62 2.34 7.58
CA ASP I 14 -29.09 1.11 7.01
C ASP I 14 -28.00 1.43 6.00
N ILE I 15 -27.06 0.52 5.83
CA ILE I 15 -25.94 0.70 4.91
C ILE I 15 -25.74 -0.51 3.99
N ILE I 16 -25.41 -0.25 2.73
CA ILE I 16 -25.16 -1.30 1.76
C ILE I 16 -23.85 -0.95 1.05
N VAL I 17 -22.99 -1.93 0.87
CA VAL I 17 -21.74 -1.68 0.21
C VAL I 17 -21.86 -2.18 -1.22
N ILE I 18 -21.43 -1.35 -2.18
CA ILE I 18 -21.51 -1.73 -3.58
C ILE I 18 -20.12 -1.77 -4.17
N PRO I 19 -19.58 -2.98 -4.38
CA PRO I 19 -18.24 -3.17 -4.94
C PRO I 19 -18.16 -2.69 -6.37
N SER I 20 -16.96 -2.30 -6.82
CA SER I 20 -16.80 -1.82 -8.18
C SER I 20 -17.02 -2.97 -9.17
N SER I 21 -17.51 -2.63 -10.36
CA SER I 21 -17.79 -3.60 -11.43
C SER I 21 -19.06 -4.45 -11.22
N PHE I 22 -19.63 -4.36 -10.02
CA PHE I 22 -20.85 -5.08 -9.72
C PHE I 22 -22.02 -4.21 -10.18
N PRO I 23 -22.90 -4.74 -11.03
CA PRO I 23 -24.04 -3.94 -11.50
C PRO I 23 -24.99 -3.77 -10.35
N VAL I 24 -25.54 -2.57 -10.21
CA VAL I 24 -26.48 -2.28 -9.14
C VAL I 24 -27.64 -1.42 -9.64
N ALA I 25 -28.74 -1.45 -8.92
CA ALA I 25 -29.92 -0.67 -9.27
C ALA I 25 -30.76 -0.56 -8.02
N LEU I 26 -31.41 0.59 -7.86
CA LEU I 26 -32.28 0.75 -6.71
C LEU I 26 -33.48 1.61 -6.99
N LYS I 27 -34.58 1.21 -6.36
CA LYS I 27 -35.88 1.87 -6.48
C LYS I 27 -36.25 2.57 -5.18
N ALA I 28 -36.76 3.79 -5.29
CA ALA I 28 -37.17 4.56 -4.13
C ALA I 28 -38.57 4.12 -3.69
N ALA I 29 -38.64 3.39 -2.58
CA ALA I 29 -39.93 2.91 -2.08
C ALA I 29 -40.75 4.09 -1.54
N SER I 30 -40.04 5.15 -1.18
CA SER I 30 -40.68 6.37 -0.68
C SER I 30 -39.75 7.48 -1.15
N ASP I 31 -40.00 8.73 -0.74
CA ASP I 31 -39.08 9.79 -1.15
C ASP I 31 -37.79 9.42 -0.47
N LEU I 32 -36.73 9.28 -1.27
CA LEU I 32 -35.45 8.84 -0.76
C LEU I 32 -34.27 9.80 -0.87
N ASN I 33 -33.43 9.79 0.18
CA ASN I 33 -32.22 10.59 0.22
C ASN I 33 -31.10 9.69 0.71
N MET I 34 -30.03 9.57 -0.06
CA MET I 34 -28.91 8.73 0.35
C MET I 34 -27.59 9.44 0.19
N VAL I 35 -26.65 9.12 1.07
CA VAL I 35 -25.31 9.69 1.01
C VAL I 35 -24.37 8.56 0.67
N GLY I 36 -23.43 8.81 -0.23
CA GLY I 36 -22.50 7.75 -0.61
C GLY I 36 -21.04 8.14 -0.42
N ILE I 37 -20.23 7.16 -0.02
CA ILE I 37 -18.80 7.40 0.17
C ILE I 37 -18.06 6.35 -0.66
N GLY I 38 -17.40 6.79 -1.71
CA GLY I 38 -16.68 5.85 -2.55
C GLY I 38 -15.18 5.88 -2.35
N VAL I 39 -14.61 4.72 -2.05
CA VAL I 39 -13.17 4.60 -1.84
C VAL I 39 -12.51 4.17 -3.17
N ASN I 40 -11.20 4.40 -3.30
CA ASN I 40 -10.47 4.07 -4.52
C ASN I 40 -11.13 4.85 -5.66
N ALA I 41 -11.62 6.02 -5.30
CA ALA I 41 -12.36 6.92 -6.17
C ALA I 41 -11.66 7.49 -7.40
N GLU I 42 -10.36 7.74 -7.32
CA GLU I 42 -9.71 8.35 -8.46
C GLU I 42 -10.00 7.67 -9.78
N ASN I 43 -10.45 8.45 -10.76
CA ASN I 43 -10.72 7.92 -12.07
C ASN I 43 -11.96 7.08 -12.24
N ASN I 44 -12.82 7.09 -11.24
CA ASN I 44 -14.04 6.29 -11.32
C ASN I 44 -14.91 6.77 -12.45
N GLU I 45 -15.46 5.81 -13.19
CA GLU I 45 -16.35 6.12 -14.30
C GLU I 45 -17.57 5.23 -14.15
N ARG I 46 -18.76 5.82 -14.24
CA ARG I 46 -19.99 5.06 -14.11
C ARG I 46 -20.54 4.64 -15.48
N ASN I 47 -20.76 3.35 -15.65
CA ASN I 47 -21.27 2.78 -16.90
C ASN I 47 -22.71 2.36 -16.72
N PHE I 48 -23.61 2.80 -17.61
CA PHE I 48 -25.02 2.43 -17.51
C PHE I 48 -25.37 1.33 -18.49
N LEU I 49 -26.30 0.46 -18.08
CA LEU I 49 -26.74 -0.68 -18.87
C LEU I 49 -28.09 -0.47 -19.53
N ALA I 50 -28.88 0.45 -18.99
CA ALA I 50 -30.19 0.76 -19.53
C ALA I 50 -30.26 2.27 -19.66
N GLY I 51 -31.34 2.78 -20.23
CA GLY I 51 -31.46 4.22 -20.37
C GLY I 51 -30.93 4.71 -21.72
N HIS I 52 -31.11 5.99 -21.98
CA HIS I 52 -30.67 6.55 -23.24
C HIS I 52 -29.24 7.06 -23.30
N LYS I 53 -28.80 7.77 -22.26
CA LYS I 53 -27.45 8.33 -22.24
C LYS I 53 -26.47 7.48 -21.44
N GLU I 54 -25.24 7.40 -21.94
CA GLU I 54 -24.18 6.64 -21.28
C GLU I 54 -24.52 5.19 -21.07
N ASN I 55 -25.15 4.60 -22.08
CA ASN I 55 -25.53 3.20 -22.08
C ASN I 55 -24.49 2.46 -22.90
N VAL I 56 -23.57 1.76 -22.25
CA VAL I 56 -22.51 1.04 -22.95
C VAL I 56 -22.99 -0.02 -23.93
N ILE I 57 -24.13 -0.64 -23.65
CA ILE I 57 -24.64 -1.67 -24.55
C ILE I 57 -24.99 -1.06 -25.89
N ARG I 58 -25.49 0.17 -25.86
CA ARG I 58 -25.88 0.89 -27.07
C ARG I 58 -24.70 1.23 -27.98
N GLN I 59 -23.49 1.17 -27.44
CA GLN I 59 -22.29 1.47 -28.23
C GLN I 59 -21.75 0.24 -28.97
N ILE I 60 -22.32 -0.93 -28.72
CA ILE I 60 -21.85 -2.12 -29.40
C ILE I 60 -22.45 -2.17 -30.80
N PRO I 61 -21.58 -2.25 -31.83
CA PRO I 61 -22.01 -2.31 -33.22
C PRO I 61 -22.99 -3.44 -33.48
N ARG I 62 -23.93 -3.20 -34.40
CA ARG I 62 -24.95 -4.18 -34.74
C ARG I 62 -24.41 -5.59 -35.02
N GLN I 63 -23.36 -5.71 -35.84
CA GLN I 63 -22.81 -7.01 -36.19
C GLN I 63 -22.49 -7.83 -34.96
N VAL I 64 -21.74 -7.23 -34.03
CA VAL I 64 -21.36 -7.95 -32.82
C VAL I 64 -22.51 -8.10 -31.81
N SER I 65 -23.38 -7.09 -31.70
CA SER I 65 -24.51 -7.22 -30.78
C SER I 65 -25.26 -8.48 -31.19
N ASP I 66 -25.44 -8.63 -32.50
CA ASP I 66 -26.15 -9.78 -33.08
C ASP I 66 -25.54 -11.10 -32.65
N LEU I 67 -24.23 -11.11 -32.44
CA LEU I 67 -23.55 -12.33 -32.05
C LEU I 67 -23.58 -12.57 -30.53
N THR I 68 -23.60 -11.48 -29.75
CA THR I 68 -23.58 -11.65 -28.31
C THR I 68 -24.97 -11.87 -27.71
N PHE I 69 -26.01 -11.37 -28.36
CA PHE I 69 -27.37 -11.54 -27.84
C PHE I 69 -28.22 -12.50 -28.66
N PRO I 70 -29.15 -13.19 -27.99
CA PRO I 70 -30.05 -14.15 -28.65
C PRO I 70 -30.88 -13.52 -29.75
N GLY I 71 -31.17 -12.23 -29.60
CA GLY I 71 -31.94 -11.54 -30.61
C GLY I 71 -31.06 -11.08 -31.75
N SER I 72 -31.63 -10.32 -32.68
CA SER I 72 -30.85 -9.84 -33.81
C SER I 72 -30.40 -8.42 -33.55
N GLY I 73 -29.37 -8.01 -34.30
CA GLY I 73 -28.83 -6.67 -34.14
C GLY I 73 -29.90 -5.59 -34.13
N GLU I 74 -30.77 -5.61 -35.13
CA GLU I 74 -31.84 -4.62 -35.24
C GLU I 74 -32.74 -4.71 -34.03
N GLU I 75 -33.22 -5.92 -33.73
CA GLU I 75 -34.09 -6.13 -32.59
C GLU I 75 -33.45 -5.56 -31.33
N VAL I 76 -32.25 -6.04 -31.01
CA VAL I 76 -31.55 -5.57 -29.83
C VAL I 76 -31.51 -4.04 -29.84
N GLU I 77 -31.16 -3.47 -30.99
CA GLU I 77 -31.09 -2.02 -31.12
C GLU I 77 -32.38 -1.32 -30.75
N GLU I 78 -33.50 -1.82 -31.25
CA GLU I 78 -34.78 -1.20 -30.95
C GLU I 78 -35.09 -1.26 -29.45
N LEU I 79 -34.92 -2.45 -28.89
CA LEU I 79 -35.19 -2.66 -27.47
C LEU I 79 -34.47 -1.63 -26.59
N LEU I 80 -33.26 -1.24 -26.98
CA LEU I 80 -32.49 -0.28 -26.23
C LEU I 80 -32.94 1.14 -26.54
N GLU I 81 -33.89 1.28 -27.45
CA GLU I 81 -34.38 2.59 -27.83
C GLU I 81 -35.71 2.94 -27.16
N ASN I 82 -36.37 1.95 -26.58
CA ASN I 82 -37.65 2.19 -25.94
C ASN I 82 -37.57 3.17 -24.78
N GLN I 83 -36.67 2.91 -23.84
CA GLN I 83 -36.51 3.78 -22.69
C GLN I 83 -35.98 5.14 -23.16
N LYS I 84 -36.79 6.18 -23.03
CA LYS I 84 -36.39 7.51 -23.49
C LYS I 84 -35.63 8.27 -22.41
N GLU I 85 -35.86 7.91 -21.16
CA GLU I 85 -35.19 8.56 -20.05
C GLU I 85 -33.74 8.11 -19.89
N SER I 86 -33.06 8.66 -18.89
CA SER I 86 -31.68 8.32 -18.59
C SER I 86 -31.44 8.34 -17.09
N TYR I 87 -30.61 7.43 -16.61
CA TYR I 87 -30.28 7.37 -15.18
C TYR I 87 -31.44 6.97 -14.28
N PHE I 88 -32.37 7.89 -14.07
CA PHE I 88 -33.54 7.63 -13.23
C PHE I 88 -34.77 7.52 -14.10
N VAL I 89 -35.63 6.54 -13.81
CA VAL I 89 -36.84 6.35 -14.61
C VAL I 89 -38.04 6.03 -13.73
N ASP I 90 -39.21 5.93 -14.35
CA ASP I 90 -40.42 5.59 -13.61
C ASP I 90 -40.39 4.10 -13.30
N GLY I 91 -40.29 3.77 -12.02
CA GLY I 91 -40.22 2.37 -11.63
C GLY I 91 -41.56 1.70 -11.39
N GLN I 92 -42.62 2.22 -12.01
CA GLN I 92 -43.95 1.64 -11.86
C GLN I 92 -44.10 0.34 -12.63
N PRO I 93 -44.73 -0.67 -12.00
CA PRO I 93 -44.96 -1.99 -12.58
C PRO I 93 -45.83 -1.95 -13.86
P PO4 J . 9.32 12.14 20.00
O1 PO4 J . 8.65 13.24 19.25
O2 PO4 J . 9.82 12.67 21.31
O3 PO4 J . 10.46 11.61 19.20
O4 PO4 J . 8.34 11.05 20.26
P PO4 K . 16.00 -11.11 -16.17
O1 PO4 K . 16.61 -9.78 -15.92
O2 PO4 K . 16.92 -11.94 -16.99
O3 PO4 K . 14.71 -10.94 -16.91
O4 PO4 K . 15.73 -11.80 -14.87
P PO4 L . -23.86 4.47 -7.20
O1 PO4 L . -23.12 4.92 -8.41
O2 PO4 L . -25.33 4.49 -7.48
O3 PO4 L . -23.55 5.38 -6.07
O4 PO4 L . -23.44 3.08 -6.85
#